data_3EAP
#
_entry.id   3EAP
#
_cell.length_a   46.066
_cell.length_b   106.150
_cell.length_c   107.335
_cell.angle_alpha   90.000
_cell.angle_beta   97.160
_cell.angle_gamma   90.000
#
_symmetry.space_group_name_H-M   'P 1 21 1'
#
loop_
_entity.id
_entity.type
_entity.pdbx_description
1 polymer 'Rho GTPase-activating protein 11A'
2 non-polymer 'UNKNOWN LIGAND'
3 water water
#
_entity_poly.entity_id   1
_entity_poly.type   'polypeptide(L)'
_entity_poly.pdbx_seq_one_letter_code
;MHHHHHHSSGRENLYFQGMWDQRLVRLALLQHLRAFYGIKVKGVRGQCDRRRHETAATEIGGKIFGVPFNALPHSAVPEY
GHIPSFLVDACTSLEDHIHTEGLFRKSGSVIRLKALKNKVDHGEGCLSSAPPCDIAGLLKQFFRELPEPILPADLHEALL
KAQQLGTEEKNKATLLLSCLLADHTVHVLRYFFNFLRNVSLRSSENKMDSSNLAVIFAPNLLQTSEGHEKMSSNTEKKLR
LQAAVVQTLIDYASDIGRVPDFILEKIPAML
;
_entity_poly.pdbx_strand_id   A,B,C,D
#
# COMPACT_ATOMS: atom_id res chain seq x y z
N LEU A 14 -24.96 -14.04 -22.23
CA LEU A 14 -25.65 -14.81 -21.16
C LEU A 14 -26.71 -15.67 -21.84
N TYR A 15 -26.21 -16.45 -22.78
CA TYR A 15 -27.05 -17.31 -23.62
C TYR A 15 -27.75 -18.38 -22.79
N PHE A 16 -26.96 -19.06 -21.98
CA PHE A 16 -27.46 -20.23 -21.26
C PHE A 16 -28.76 -19.93 -20.52
N GLN A 17 -28.81 -18.75 -19.91
CA GLN A 17 -30.00 -18.32 -19.13
C GLN A 17 -31.14 -17.84 -20.04
N GLY A 18 -30.79 -17.55 -21.27
CA GLY A 18 -31.76 -17.18 -22.31
C GLY A 18 -32.64 -18.34 -22.70
N MET A 19 -32.22 -19.51 -22.26
CA MET A 19 -32.96 -20.77 -22.55
C MET A 19 -34.12 -21.00 -21.62
N TRP A 20 -34.30 -20.04 -20.73
CA TRP A 20 -35.42 -20.03 -19.81
C TRP A 20 -36.26 -18.81 -20.11
N ASP A 21 -37.55 -18.95 -19.90
CA ASP A 21 -38.47 -17.80 -19.98
C ASP A 21 -38.07 -16.82 -18.89
N GLN A 22 -37.61 -15.64 -19.30
CA GLN A 22 -37.13 -14.64 -18.35
C GLN A 22 -38.19 -14.27 -17.33
N ARG A 23 -39.44 -14.34 -17.76
CA ARG A 23 -40.57 -14.04 -16.88
C ARG A 23 -40.49 -14.88 -15.61
N LEU A 24 -40.31 -16.18 -15.84
CA LEU A 24 -40.23 -17.18 -14.77
C LEU A 24 -38.93 -17.07 -14.00
N VAL A 25 -37.85 -16.80 -14.72
CA VAL A 25 -36.54 -16.63 -14.08
C VAL A 25 -36.63 -15.53 -13.03
N ARG A 26 -37.39 -14.52 -13.37
CA ARG A 26 -37.54 -13.32 -12.56
C ARG A 26 -38.33 -13.67 -11.30
N LEU A 27 -39.43 -14.38 -11.52
CA LEU A 27 -40.29 -14.86 -10.42
C LEU A 27 -39.50 -15.70 -9.44
N ALA A 28 -38.67 -16.58 -9.99
CA ALA A 28 -37.84 -17.48 -9.19
C ALA A 28 -36.73 -16.74 -8.43
N LEU A 29 -36.15 -15.74 -9.04
CA LEU A 29 -35.14 -14.92 -8.35
C LEU A 29 -35.76 -14.24 -7.13
N LEU A 30 -36.93 -13.64 -7.37
CA LEU A 30 -37.65 -12.90 -6.33
C LEU A 30 -38.10 -13.81 -5.19
N GLN A 31 -38.46 -15.03 -5.55
CA GLN A 31 -38.91 -16.01 -4.58
C GLN A 31 -37.77 -16.46 -3.67
N HIS A 32 -36.61 -16.66 -4.27
CA HIS A 32 -35.39 -17.07 -3.54
C HIS A 32 -34.87 -15.95 -2.62
N LEU A 33 -35.03 -14.71 -3.07
CA LEU A 33 -34.54 -13.52 -2.32
C LEU A 33 -35.38 -13.31 -1.03
N ARG A 34 -36.65 -13.67 -1.11
CA ARG A 34 -37.54 -13.55 0.06
C ARG A 34 -37.36 -14.76 0.97
N ALA A 35 -37.44 -15.93 0.36
CA ALA A 35 -37.40 -17.23 1.08
C ALA A 35 -36.13 -17.40 1.89
N PHE A 36 -35.06 -16.99 1.27
CA PHE A 36 -33.73 -17.33 1.73
C PHE A 36 -33.08 -16.20 2.53
N TYR A 37 -33.45 -14.97 2.20
CA TYR A 37 -32.83 -13.76 2.78
C TYR A 37 -33.76 -12.71 3.35
N GLY A 38 -35.05 -12.89 3.14
CA GLY A 38 -36.05 -11.94 3.63
C GLY A 38 -36.10 -10.64 2.86
N ILE A 39 -35.34 -10.59 1.78
CA ILE A 39 -35.31 -9.43 0.89
C ILE A 39 -36.52 -9.46 -0.08
N LYS A 40 -37.44 -8.53 0.16
CA LYS A 40 -38.60 -8.33 -0.70
C LYS A 40 -38.38 -7.13 -1.61
N VAL A 41 -38.62 -7.34 -2.91
CA VAL A 41 -38.67 -6.24 -3.85
C VAL A 41 -40.10 -6.08 -4.37
N GLY A 61 -30.51 19.78 -21.42
CA GLY A 61 -30.79 20.47 -22.70
C GLY A 61 -29.80 20.13 -23.78
N GLY A 62 -28.68 19.56 -23.38
CA GLY A 62 -27.61 19.10 -24.27
C GLY A 62 -27.74 17.65 -24.70
N LYS A 63 -26.70 17.18 -25.38
CA LYS A 63 -26.76 15.95 -26.18
C LYS A 63 -26.41 14.68 -25.41
N ILE A 64 -25.73 14.86 -24.28
CA ILE A 64 -25.25 13.75 -23.49
C ILE A 64 -25.89 13.73 -22.10
N PHE A 65 -25.55 14.74 -21.31
CA PHE A 65 -25.92 14.77 -19.88
C PHE A 65 -27.40 15.04 -19.62
N GLY A 66 -27.97 14.23 -18.75
CA GLY A 66 -29.38 14.33 -18.39
C GLY A 66 -30.33 13.60 -19.33
N VAL A 67 -29.77 13.08 -20.41
CA VAL A 67 -30.51 12.24 -21.36
C VAL A 67 -30.65 10.81 -20.79
N PRO A 68 -31.83 10.19 -20.93
CA PRO A 68 -31.88 8.77 -20.54
C PRO A 68 -30.88 7.98 -21.35
N PHE A 69 -30.04 7.20 -20.67
CA PHE A 69 -28.85 6.61 -21.34
C PHE A 69 -29.22 5.70 -22.50
N ASN A 70 -30.42 5.12 -22.41
CA ASN A 70 -30.94 4.30 -23.51
C ASN A 70 -31.20 5.13 -24.78
N ALA A 71 -31.44 6.41 -24.60
CA ALA A 71 -31.75 7.32 -25.74
C ALA A 71 -30.50 7.92 -26.41
N LEU A 72 -29.34 7.61 -25.85
CA LEU A 72 -28.04 8.13 -26.33
C LEU A 72 -27.55 7.32 -27.52
N PRO A 73 -26.58 7.86 -28.28
CA PRO A 73 -25.88 7.05 -29.28
C PRO A 73 -25.21 5.86 -28.65
N HIS A 74 -25.55 4.68 -29.14
CA HIS A 74 -24.90 3.46 -28.69
C HIS A 74 -23.89 2.97 -29.70
N SER A 75 -22.91 2.27 -29.16
CA SER A 75 -21.94 1.59 -29.97
C SER A 75 -21.98 0.11 -29.63
N ALA A 76 -22.01 -0.72 -30.66
CA ALA A 76 -21.80 -2.16 -30.48
C ALA A 76 -20.42 -2.35 -29.87
N VAL A 77 -20.39 -3.00 -28.73
CA VAL A 77 -19.15 -3.39 -28.04
C VAL A 77 -19.17 -4.92 -27.88
N PRO A 78 -18.06 -5.60 -28.25
CA PRO A 78 -18.11 -7.06 -28.26
C PRO A 78 -18.10 -7.63 -26.86
N GLU A 79 -18.81 -8.75 -26.75
CA GLU A 79 -18.97 -9.49 -25.49
C GLU A 79 -19.66 -8.69 -24.42
N TYR A 80 -20.14 -7.49 -24.79
CA TYR A 80 -21.00 -6.66 -23.91
C TYR A 80 -22.28 -6.18 -24.58
N GLY A 81 -22.27 -6.13 -25.90
CA GLY A 81 -23.43 -5.66 -26.66
C GLY A 81 -23.33 -4.20 -27.05
N HIS A 82 -24.47 -3.52 -27.02
CA HIS A 82 -24.52 -2.10 -27.31
C HIS A 82 -24.47 -1.32 -26.03
N ILE A 83 -23.47 -0.44 -25.98
CA ILE A 83 -23.23 0.39 -24.82
C ILE A 83 -23.16 1.84 -25.34
N PRO A 84 -23.67 2.81 -24.55
CA PRO A 84 -23.56 4.24 -24.92
C PRO A 84 -22.14 4.65 -25.30
N SER A 85 -22.04 5.40 -26.39
CA SER A 85 -20.76 5.76 -27.02
C SER A 85 -19.90 6.64 -26.10
N PHE A 86 -20.54 7.56 -25.40
CA PHE A 86 -19.82 8.38 -24.38
C PHE A 86 -19.09 7.52 -23.36
N LEU A 87 -19.76 6.48 -22.92
CA LEU A 87 -19.21 5.55 -21.89
C LEU A 87 -18.02 4.82 -22.44
N VAL A 88 -18.25 4.24 -23.61
CA VAL A 88 -17.23 3.52 -24.37
C VAL A 88 -16.00 4.39 -24.57
N ASP A 89 -16.21 5.59 -25.06
CA ASP A 89 -15.10 6.53 -25.38
C ASP A 89 -14.40 7.12 -24.14
N ALA A 90 -15.15 7.35 -23.09
CA ALA A 90 -14.57 7.80 -21.82
C ALA A 90 -13.67 6.71 -21.26
N CYS A 91 -14.21 5.49 -21.22
CA CYS A 91 -13.51 4.36 -20.61
C CYS A 91 -12.31 3.96 -21.42
N THR A 92 -12.50 3.90 -22.73
CA THR A 92 -11.41 3.61 -23.68
C THR A 92 -10.28 4.64 -23.65
N SER A 93 -10.62 5.87 -23.31
CA SER A 93 -9.60 6.94 -23.24
C SER A 93 -8.79 6.84 -21.97
N LEU A 94 -9.41 6.31 -20.93
CA LEU A 94 -8.76 6.13 -19.62
C LEU A 94 -8.00 4.80 -19.54
N GLU A 95 -8.21 3.96 -20.55
CA GLU A 95 -7.55 2.65 -20.62
C GLU A 95 -6.05 2.76 -20.45
N ASP A 96 -5.50 3.81 -21.04
CA ASP A 96 -4.05 4.00 -21.15
C ASP A 96 -3.44 4.68 -19.93
N HIS A 97 -4.30 5.09 -19.03
CA HIS A 97 -3.90 5.84 -17.83
C HIS A 97 -4.29 5.19 -16.51
N ILE A 98 -4.76 3.95 -16.58
CA ILE A 98 -5.15 3.17 -15.37
C ILE A 98 -4.09 3.16 -14.27
N HIS A 99 -2.84 3.30 -14.70
CA HIS A 99 -1.66 3.36 -13.79
C HIS A 99 -1.62 4.64 -12.95
N THR A 100 -2.09 5.72 -13.55
CA THR A 100 -2.03 7.07 -12.95
C THR A 100 -2.53 7.08 -11.49
N SER A 109 -9.57 21.53 -11.56
CA SER A 109 -10.39 22.73 -11.74
C SER A 109 -11.73 22.39 -12.38
N VAL A 110 -12.78 22.71 -11.64
CA VAL A 110 -14.18 22.49 -12.09
C VAL A 110 -14.60 23.52 -13.13
N ILE A 111 -13.80 24.55 -13.29
CA ILE A 111 -13.97 25.48 -14.40
C ILE A 111 -13.49 24.78 -15.69
N ARG A 112 -12.30 24.20 -15.62
CA ARG A 112 -11.74 23.45 -16.76
C ARG A 112 -12.58 22.20 -17.07
N LEU A 113 -13.06 21.56 -16.00
CA LEU A 113 -13.93 20.36 -16.13
C LEU A 113 -15.25 20.69 -16.81
N LYS A 114 -15.84 21.79 -16.38
CA LYS A 114 -17.13 22.30 -16.88
C LYS A 114 -17.06 22.67 -18.36
N ALA A 115 -15.94 23.26 -18.76
CA ALA A 115 -15.75 23.59 -20.19
C ALA A 115 -15.80 22.31 -21.03
N LEU A 116 -15.11 21.27 -20.57
CA LEU A 116 -15.07 19.98 -21.30
C LEU A 116 -16.43 19.31 -21.33
N LYS A 117 -17.12 19.38 -20.19
CA LYS A 117 -18.51 18.89 -20.10
C LYS A 117 -19.38 19.58 -21.15
N ASN A 118 -19.26 20.89 -21.26
CA ASN A 118 -20.03 21.68 -22.24
C ASN A 118 -19.71 21.34 -23.70
N LYS A 119 -18.43 21.09 -23.95
CA LYS A 119 -17.96 20.69 -25.29
C LYS A 119 -18.54 19.32 -25.60
N VAL A 120 -18.41 18.41 -24.64
CA VAL A 120 -18.98 17.06 -24.80
C VAL A 120 -20.50 17.14 -24.99
N ASP A 121 -21.16 17.96 -24.19
CA ASP A 121 -22.64 18.11 -24.29
C ASP A 121 -23.04 18.72 -25.65
N HIS A 122 -22.18 19.59 -26.18
CA HIS A 122 -22.35 20.18 -27.52
C HIS A 122 -21.90 19.21 -28.63
N GLY A 123 -20.87 18.42 -28.33
CA GLY A 123 -20.35 17.41 -29.25
C GLY A 123 -19.12 17.86 -30.03
N SER A 129 -8.25 12.79 -26.08
CA SER A 129 -7.50 14.04 -26.07
C SER A 129 -7.48 14.73 -24.71
N ALA A 130 -8.58 14.60 -23.96
CA ALA A 130 -8.74 15.31 -22.67
C ALA A 130 -7.67 14.93 -21.64
N PRO A 131 -7.51 15.76 -20.60
CA PRO A 131 -6.75 15.27 -19.43
C PRO A 131 -7.51 14.12 -18.75
N PRO A 132 -6.80 13.12 -18.21
CA PRO A 132 -7.46 11.90 -17.71
C PRO A 132 -8.34 12.16 -16.50
N CYS A 133 -7.80 12.93 -15.59
CA CYS A 133 -8.56 13.55 -14.47
C CYS A 133 -9.99 13.96 -14.88
N ASP A 134 -10.05 14.78 -15.93
CA ASP A 134 -11.31 15.39 -16.38
C ASP A 134 -12.30 14.39 -17.00
N ILE A 135 -11.75 13.39 -17.68
CA ILE A 135 -12.59 12.29 -18.23
C ILE A 135 -13.30 11.55 -17.10
N ALA A 136 -12.48 11.20 -16.11
CA ALA A 136 -12.92 10.53 -14.87
C ALA A 136 -13.99 11.34 -14.19
N GLY A 137 -13.67 12.61 -14.05
CA GLY A 137 -14.58 13.61 -13.53
C GLY A 137 -15.90 13.63 -14.25
N LEU A 138 -15.85 13.46 -15.57
CA LEU A 138 -17.09 13.46 -16.40
C LEU A 138 -17.88 12.18 -16.25
N LEU A 139 -17.18 11.08 -16.02
CA LEU A 139 -17.86 9.79 -15.82
C LEU A 139 -18.73 9.86 -14.55
N LYS A 140 -18.17 10.44 -13.50
CA LYS A 140 -18.91 10.61 -12.23
C LYS A 140 -20.16 11.48 -12.43
N GLN A 141 -19.96 12.58 -13.14
CA GLN A 141 -21.07 13.53 -13.43
C GLN A 141 -22.16 12.90 -14.30
N PHE A 142 -21.72 12.07 -15.25
CA PHE A 142 -22.62 11.36 -16.19
C PHE A 142 -23.68 10.54 -15.45
N PHE A 143 -23.21 9.74 -14.54
CA PHE A 143 -24.08 8.87 -13.74
C PHE A 143 -24.97 9.66 -12.78
N ARG A 144 -24.36 10.65 -12.14
CA ARG A 144 -25.09 11.53 -11.22
C ARG A 144 -26.26 12.22 -11.92
N GLU A 145 -26.10 12.52 -13.20
CA GLU A 145 -27.05 13.40 -13.93
C GLU A 145 -28.14 12.65 -14.69
N LEU A 146 -28.03 11.33 -14.68
CA LEU A 146 -29.04 10.48 -15.32
C LEU A 146 -30.42 10.75 -14.74
N PRO A 147 -31.44 10.81 -15.60
CA PRO A 147 -32.80 11.09 -15.09
C PRO A 147 -33.15 10.18 -13.92
N GLU A 148 -32.87 8.91 -14.12
CA GLU A 148 -33.03 7.88 -13.10
C GLU A 148 -31.65 7.30 -12.83
N PRO A 149 -31.35 6.97 -11.57
CA PRO A 149 -30.11 6.23 -11.24
C PRO A 149 -30.03 4.91 -11.98
N ILE A 150 -28.84 4.58 -12.43
CA ILE A 150 -28.60 3.31 -13.17
C ILE A 150 -28.82 2.07 -12.31
N LEU A 151 -28.55 2.24 -11.03
CA LEU A 151 -29.01 1.29 -10.03
C LEU A 151 -30.31 1.88 -9.50
N PRO A 152 -31.45 1.29 -9.91
CA PRO A 152 -32.73 1.94 -9.65
C PRO A 152 -33.12 1.92 -8.19
N ALA A 153 -33.73 3.02 -7.79
CA ALA A 153 -34.05 3.31 -6.37
C ALA A 153 -34.79 2.19 -5.64
N ASP A 154 -35.63 1.48 -6.38
CA ASP A 154 -36.43 0.39 -5.77
C ASP A 154 -35.59 -0.80 -5.30
N LEU A 155 -34.39 -0.89 -5.84
CA LEU A 155 -33.45 -1.95 -5.44
C LEU A 155 -32.54 -1.57 -4.28
N HIS A 156 -32.51 -0.27 -3.96
CA HIS A 156 -31.52 0.27 -3.00
C HIS A 156 -31.59 -0.35 -1.63
N GLU A 157 -32.78 -0.29 -1.05
CA GLU A 157 -33.02 -0.93 0.25
C GLU A 157 -32.58 -2.41 0.18
N ALA A 158 -32.98 -3.10 -0.87
CA ALA A 158 -32.68 -4.54 -1.04
C ALA A 158 -31.19 -4.77 -1.06
N LEU A 159 -30.53 -3.88 -1.76
CA LEU A 159 -29.09 -3.92 -1.94
C LEU A 159 -28.32 -3.70 -0.62
N LEU A 160 -28.81 -2.73 0.14
CA LEU A 160 -28.32 -2.44 1.50
C LEU A 160 -28.59 -3.57 2.46
N LYS A 161 -29.78 -4.14 2.34
CA LYS A 161 -30.14 -5.32 3.18
C LYS A 161 -29.19 -6.47 2.88
N ALA A 162 -28.90 -6.66 1.61
CA ALA A 162 -27.94 -7.70 1.18
C ALA A 162 -26.59 -7.52 1.85
N GLN A 163 -26.30 -6.28 2.17
CA GLN A 163 -24.98 -5.85 2.62
C GLN A 163 -24.84 -5.99 4.14
N GLN A 164 -25.90 -6.49 4.75
CA GLN A 164 -25.93 -6.79 6.17
C GLN A 164 -25.85 -8.28 6.45
N LEU A 165 -26.04 -9.06 5.40
CA LEU A 165 -25.83 -10.50 5.47
C LEU A 165 -24.37 -10.79 5.78
N GLY A 166 -24.12 -12.03 6.17
CA GLY A 166 -22.75 -12.54 6.30
C GLY A 166 -21.98 -12.40 5.00
N THR A 167 -20.67 -12.33 5.13
CA THR A 167 -19.75 -12.12 3.98
C THR A 167 -20.15 -12.93 2.76
N GLU A 168 -20.20 -14.23 2.94
CA GLU A 168 -20.39 -15.17 1.84
C GLU A 168 -21.74 -14.95 1.19
N GLU A 169 -22.68 -14.55 2.02
CA GLU A 169 -24.06 -14.43 1.56
C GLU A 169 -24.40 -13.02 1.02
N LYS A 170 -23.55 -12.04 1.34
CA LYS A 170 -23.71 -10.66 0.79
C LYS A 170 -23.52 -10.70 -0.71
N ASN A 171 -22.45 -11.37 -1.06
CA ASN A 171 -22.00 -11.49 -2.44
C ASN A 171 -23.05 -12.14 -3.30
N LYS A 172 -23.55 -13.25 -2.80
CA LYS A 172 -24.61 -14.04 -3.45
C LYS A 172 -25.88 -13.21 -3.67
N ALA A 173 -26.32 -12.59 -2.61
CA ALA A 173 -27.57 -11.82 -2.61
C ALA A 173 -27.47 -10.63 -3.57
N THR A 174 -26.33 -9.96 -3.46
CA THR A 174 -26.06 -8.78 -4.28
C THR A 174 -26.11 -9.13 -5.76
N LEU A 175 -25.48 -10.23 -6.11
CA LEU A 175 -25.44 -10.72 -7.51
C LEU A 175 -26.81 -11.19 -8.01
N LEU A 176 -27.55 -11.88 -7.17
CA LEU A 176 -29.01 -12.14 -7.44
C LEU A 176 -29.82 -10.85 -7.73
N LEU A 177 -29.56 -9.82 -6.93
CA LEU A 177 -30.22 -8.53 -7.14
C LEU A 177 -29.89 -7.91 -8.53
N SER A 178 -28.63 -8.06 -8.95
CA SER A 178 -28.21 -7.54 -10.27
C SER A 178 -28.92 -8.24 -11.45
N CYS A 179 -29.39 -9.46 -11.18
CA CYS A 179 -30.17 -10.22 -12.19
C CYS A 179 -31.61 -9.72 -12.30
N LEU A 180 -32.00 -8.82 -11.43
CA LEU A 180 -33.35 -8.21 -11.47
C LEU A 180 -33.36 -6.97 -12.38
N LEU A 181 -32.20 -6.58 -12.80
CA LEU A 181 -31.99 -5.37 -13.61
C LEU A 181 -32.45 -5.66 -15.00
N ALA A 182 -32.94 -4.62 -15.66
CA ALA A 182 -33.34 -4.70 -17.08
C ALA A 182 -32.09 -5.10 -17.80
N ASP A 183 -32.21 -5.87 -18.89
CA ASP A 183 -30.99 -6.44 -19.47
C ASP A 183 -30.16 -5.40 -20.24
N HIS A 184 -30.74 -4.27 -20.64
CA HIS A 184 -29.89 -3.22 -21.21
C HIS A 184 -28.97 -2.70 -20.10
N THR A 185 -29.56 -2.44 -18.95
CA THR A 185 -28.84 -1.96 -17.76
C THR A 185 -27.75 -2.91 -17.33
N VAL A 186 -28.12 -4.18 -17.30
CA VAL A 186 -27.20 -5.28 -17.00
C VAL A 186 -25.96 -5.21 -17.86
N HIS A 187 -26.16 -4.93 -19.14
CA HIS A 187 -25.04 -4.91 -20.09
C HIS A 187 -24.17 -3.65 -19.97
N VAL A 188 -24.82 -2.51 -19.78
CA VAL A 188 -24.12 -1.24 -19.49
C VAL A 188 -23.31 -1.36 -18.17
N LEU A 189 -23.92 -1.96 -17.16
CA LEU A 189 -23.26 -2.13 -15.88
C LEU A 189 -22.13 -3.15 -15.91
N ARG A 190 -22.31 -4.21 -16.67
CA ARG A 190 -21.25 -5.25 -16.82
C ARG A 190 -20.00 -4.68 -17.47
N TYR A 191 -20.24 -3.78 -18.40
CA TYR A 191 -19.20 -3.08 -19.14
C TYR A 191 -18.45 -2.12 -18.23
N PHE A 192 -19.23 -1.32 -17.55
CA PHE A 192 -18.67 -0.28 -16.69
C PHE A 192 -17.98 -0.86 -15.45
N PHE A 193 -18.61 -1.83 -14.83
CA PHE A 193 -17.98 -2.50 -13.69
C PHE A 193 -16.75 -3.31 -14.09
N ASN A 194 -16.72 -3.84 -15.31
CA ASN A 194 -15.46 -4.43 -15.85
C ASN A 194 -14.32 -3.42 -15.91
N PHE A 195 -14.65 -2.24 -16.39
CA PHE A 195 -13.68 -1.13 -16.44
C PHE A 195 -13.18 -0.77 -15.06
N LEU A 196 -14.12 -0.62 -14.14
CA LEU A 196 -13.80 -0.37 -12.73
C LEU A 196 -12.96 -1.46 -12.14
N ARG A 197 -13.34 -2.69 -12.43
CA ARG A 197 -12.64 -3.84 -11.87
C ARG A 197 -11.19 -3.81 -12.27
N ASN A 198 -10.98 -3.42 -13.51
CA ASN A 198 -9.65 -3.37 -14.11
C ASN A 198 -8.81 -2.31 -13.47
N VAL A 199 -9.42 -1.19 -13.15
CA VAL A 199 -8.70 -0.17 -12.40
C VAL A 199 -8.27 -0.80 -11.07
N SER A 200 -9.22 -1.46 -10.43
CA SER A 200 -9.02 -1.97 -9.08
C SER A 200 -7.93 -3.02 -9.03
N LEU A 201 -7.85 -3.87 -10.06
CA LEU A 201 -6.85 -4.94 -10.10
C LEU A 201 -5.41 -4.43 -10.21
N ARG A 202 -5.27 -3.17 -10.53
CA ARG A 202 -3.95 -2.55 -10.72
C ARG A 202 -3.65 -1.46 -9.71
N SER A 203 -4.11 -1.74 -8.49
CA SER A 203 -4.07 -0.78 -7.36
C SER A 203 -2.70 -0.63 -6.72
N SER A 204 -1.84 -1.60 -6.97
CA SER A 204 -0.45 -1.49 -6.52
C SER A 204 0.12 -0.22 -7.10
N GLU A 205 -0.39 0.16 -8.26
CA GLU A 205 0.07 1.32 -9.03
C GLU A 205 -0.77 2.58 -8.80
N ASN A 206 -2.03 2.50 -9.15
CA ASN A 206 -2.91 3.70 -9.17
C ASN A 206 -3.47 4.09 -7.80
N LYS A 207 -3.26 3.20 -6.84
CA LYS A 207 -3.72 3.41 -5.45
C LYS A 207 -5.24 3.28 -5.26
N MET A 208 -5.97 3.14 -6.36
CA MET A 208 -7.43 2.97 -6.31
C MET A 208 -7.77 1.47 -6.32
N ASP A 209 -8.04 0.96 -5.13
CA ASP A 209 -8.62 -0.37 -4.95
C ASP A 209 -10.14 -0.22 -4.97
N SER A 210 -10.85 -1.34 -4.97
CA SER A 210 -12.32 -1.33 -5.21
C SER A 210 -13.08 -0.63 -4.13
N SER A 211 -12.51 -0.64 -2.94
CA SER A 211 -13.06 0.09 -1.81
C SER A 211 -12.99 1.58 -2.09
N ASN A 212 -11.80 2.00 -2.48
CA ASN A 212 -11.50 3.40 -2.84
C ASN A 212 -12.37 3.91 -3.98
N LEU A 213 -12.54 3.09 -5.01
CA LEU A 213 -13.39 3.44 -6.18
C LEU A 213 -14.88 3.53 -5.81
N ALA A 214 -15.32 2.56 -5.03
CA ALA A 214 -16.74 2.46 -4.59
C ALA A 214 -17.22 3.71 -3.79
N VAL A 215 -16.35 4.13 -2.88
CA VAL A 215 -16.64 5.29 -2.06
C VAL A 215 -16.93 6.50 -2.94
N ILE A 216 -16.15 6.58 -4.00
CA ILE A 216 -16.21 7.67 -4.99
C ILE A 216 -17.42 7.58 -5.92
N PHE A 217 -17.64 6.40 -6.45
CA PHE A 217 -18.69 6.20 -7.46
C PHE A 217 -20.08 5.97 -6.89
N ALA A 218 -20.15 5.28 -5.76
CA ALA A 218 -21.45 4.89 -5.17
C ALA A 218 -22.45 6.05 -5.14
N PRO A 219 -22.06 7.21 -4.56
CA PRO A 219 -23.00 8.35 -4.54
C PRO A 219 -23.46 8.77 -5.93
N ASN A 220 -22.59 8.58 -6.90
CA ASN A 220 -22.86 8.96 -8.31
C ASN A 220 -23.76 7.95 -9.01
N LEU A 221 -23.59 6.69 -8.61
CA LEU A 221 -24.33 5.59 -9.23
C LEU A 221 -25.69 5.50 -8.62
N LEU A 222 -25.73 5.70 -7.30
CA LEU A 222 -26.97 5.62 -6.53
C LEU A 222 -27.68 6.95 -6.46
N GLN A 223 -26.95 8.01 -6.73
CA GLN A 223 -27.49 9.37 -6.81
C GLN A 223 -27.88 9.80 -5.42
N THR A 224 -26.91 9.60 -4.54
CA THR A 224 -27.03 9.92 -3.13
C THR A 224 -26.03 11.02 -2.72
N SER A 225 -26.16 11.47 -1.49
CA SER A 225 -25.28 12.53 -0.95
C SER A 225 -23.93 11.94 -0.62
N GLU A 226 -22.99 12.84 -0.39
CA GLU A 226 -21.61 12.45 -0.10
C GLU A 226 -21.41 12.56 1.39
N GLY A 227 -20.27 12.04 1.83
CA GLY A 227 -19.91 12.05 3.23
C GLY A 227 -19.51 13.44 3.67
N HIS A 228 -19.88 13.75 4.90
CA HIS A 228 -19.50 15.02 5.51
C HIS A 228 -19.25 14.85 7.02
N GLU A 229 -18.92 15.95 7.67
CA GLU A 229 -18.40 15.89 9.04
C GLU A 229 -19.47 15.69 10.10
N LYS A 230 -20.60 16.34 9.92
CA LYS A 230 -21.67 16.34 10.96
C LYS A 230 -22.63 15.15 10.83
N MET A 231 -22.18 14.13 10.14
CA MET A 231 -22.99 12.94 9.85
C MET A 231 -23.43 12.22 11.11
N SER A 232 -24.73 11.97 11.15
CA SER A 232 -25.32 11.07 12.12
C SER A 232 -24.65 9.71 11.96
N SER A 233 -24.73 8.93 13.02
CA SER A 233 -24.24 7.54 13.01
C SER A 233 -25.00 6.72 11.96
N ASN A 234 -26.25 7.10 11.76
CA ASN A 234 -27.18 6.43 10.81
C ASN A 234 -26.89 6.76 9.35
N THR A 235 -26.64 8.03 9.10
CA THR A 235 -26.40 8.54 7.74
C THR A 235 -25.11 7.95 7.20
N GLU A 236 -24.15 7.85 8.10
CA GLU A 236 -22.81 7.41 7.74
C GLU A 236 -22.76 5.90 7.51
N LYS A 237 -23.46 5.16 8.35
CA LYS A 237 -23.54 3.70 8.21
C LYS A 237 -24.12 3.36 6.84
N LYS A 238 -25.19 4.07 6.50
CA LYS A 238 -25.84 3.96 5.17
C LYS A 238 -24.86 4.22 4.04
N LEU A 239 -24.08 5.31 4.18
CA LEU A 239 -23.03 5.65 3.16
C LEU A 239 -22.08 4.50 2.92
N ARG A 240 -21.62 3.95 4.03
CA ARG A 240 -20.60 2.89 4.01
C ARG A 240 -21.13 1.66 3.29
N LEU A 241 -22.40 1.37 3.55
CA LEU A 241 -23.07 0.17 3.02
C LEU A 241 -23.39 0.35 1.53
N GLN A 242 -23.76 1.57 1.18
CA GLN A 242 -23.92 1.96 -0.22
C GLN A 242 -22.63 1.82 -1.00
N ALA A 243 -21.53 2.28 -0.41
CA ALA A 243 -20.22 2.03 -1.01
C ALA A 243 -19.92 0.53 -1.09
N ALA A 244 -20.37 -0.21 -0.09
CA ALA A 244 -20.12 -1.66 0.00
C ALA A 244 -20.84 -2.43 -1.14
N VAL A 245 -22.07 -2.03 -1.42
CA VAL A 245 -22.80 -2.49 -2.59
C VAL A 245 -21.94 -2.39 -3.87
N VAL A 246 -21.39 -1.20 -4.08
CA VAL A 246 -20.65 -0.88 -5.30
C VAL A 246 -19.32 -1.60 -5.38
N GLN A 247 -18.69 -1.71 -4.23
CA GLN A 247 -17.45 -2.48 -4.08
C GLN A 247 -17.66 -3.96 -4.46
N THR A 248 -18.77 -4.53 -4.02
CA THR A 248 -19.11 -5.91 -4.37
C THR A 248 -19.26 -6.04 -5.90
N LEU A 249 -20.03 -5.12 -6.47
CA LEU A 249 -20.22 -5.03 -7.94
C LEU A 249 -18.91 -4.94 -8.71
N ILE A 250 -17.93 -4.24 -8.13
CA ILE A 250 -16.57 -4.13 -8.71
C ILE A 250 -15.82 -5.48 -8.66
N ASP A 251 -15.83 -6.07 -7.48
CA ASP A 251 -15.04 -7.28 -7.20
C ASP A 251 -15.59 -8.49 -7.97
N TYR A 252 -16.91 -8.52 -8.13
CA TYR A 252 -17.60 -9.59 -8.86
C TYR A 252 -18.19 -9.10 -10.21
N ALA A 253 -17.44 -8.23 -10.88
CA ALA A 253 -17.88 -7.58 -12.14
C ALA A 253 -18.39 -8.58 -13.14
N SER A 254 -17.67 -9.70 -13.22
CA SER A 254 -17.89 -10.64 -14.33
C SER A 254 -19.13 -11.49 -14.10
N ASP A 255 -19.62 -11.46 -12.87
CA ASP A 255 -20.80 -12.22 -12.45
C ASP A 255 -22.09 -11.39 -12.39
N ILE A 256 -21.99 -10.13 -12.76
CA ILE A 256 -23.17 -9.23 -12.80
C ILE A 256 -24.19 -9.75 -13.81
N GLY A 257 -25.45 -9.84 -13.39
CA GLY A 257 -26.55 -10.23 -14.30
C GLY A 257 -26.64 -11.72 -14.65
N ARG A 258 -25.73 -12.47 -14.07
CA ARG A 258 -25.54 -13.89 -14.35
C ARG A 258 -26.33 -14.72 -13.34
N VAL A 259 -27.37 -15.40 -13.80
CA VAL A 259 -28.27 -16.16 -12.92
C VAL A 259 -27.61 -17.47 -12.53
N PRO A 260 -27.53 -17.76 -11.22
CA PRO A 260 -26.95 -19.05 -10.78
C PRO A 260 -27.80 -20.28 -11.12
N ASP A 261 -27.11 -21.39 -11.24
CA ASP A 261 -27.71 -22.65 -11.64
C ASP A 261 -28.76 -23.21 -10.71
N PHE A 262 -28.65 -22.83 -9.44
CA PHE A 262 -29.63 -23.30 -8.42
C PHE A 262 -30.93 -22.59 -8.60
N ILE A 263 -30.88 -21.40 -9.16
CA ILE A 263 -32.11 -20.70 -9.58
C ILE A 263 -32.70 -21.40 -10.78
N LEU A 264 -31.87 -21.53 -11.79
CA LEU A 264 -32.28 -22.11 -13.10
C LEU A 264 -32.71 -23.55 -12.99
N GLU A 265 -32.04 -24.25 -12.09
CA GLU A 265 -32.31 -25.67 -11.78
C GLU A 265 -33.77 -25.95 -11.39
N LYS A 266 -34.39 -24.94 -10.79
CA LYS A 266 -35.78 -25.06 -10.27
C LYS A 266 -36.83 -24.89 -11.35
N ILE A 267 -36.39 -24.52 -12.53
CA ILE A 267 -37.28 -24.20 -13.65
C ILE A 267 -37.02 -25.07 -14.87
N PRO A 268 -38.06 -25.37 -15.67
CA PRO A 268 -37.81 -25.95 -16.99
C PRO A 268 -37.59 -24.86 -18.03
N ALA A 269 -36.84 -25.20 -19.07
CA ALA A 269 -36.41 -24.23 -20.10
C ALA A 269 -37.17 -24.39 -21.41
N MET A 270 -37.69 -23.27 -21.89
CA MET A 270 -38.39 -23.16 -23.19
C MET A 270 -38.71 -24.52 -23.83
N MET B 19 27.46 27.71 20.34
CA MET B 19 28.16 29.01 20.10
C MET B 19 29.42 28.88 19.21
N TRP B 20 29.32 29.54 18.08
CA TRP B 20 30.46 29.77 17.21
C TRP B 20 30.25 31.10 16.54
N ASP B 21 31.32 31.59 15.95
CA ASP B 21 31.27 32.78 15.09
C ASP B 21 30.45 32.47 13.85
N GLN B 22 29.36 33.20 13.75
CA GLN B 22 28.31 32.90 12.78
C GLN B 22 28.75 33.21 11.34
N ARG B 23 29.56 34.27 11.21
CA ARG B 23 30.02 34.70 9.89
C ARG B 23 31.03 33.72 9.33
N LEU B 24 31.93 33.30 10.19
CA LEU B 24 32.94 32.28 9.84
C LEU B 24 32.29 30.96 9.42
N VAL B 25 31.25 30.56 10.13
CA VAL B 25 30.61 29.27 9.87
C VAL B 25 29.92 29.33 8.52
N ARG B 26 29.35 30.47 8.23
CA ARG B 26 28.67 30.71 6.94
C ARG B 26 29.64 30.60 5.80
N LEU B 27 30.81 31.17 5.96
CA LEU B 27 31.83 31.12 4.89
C LEU B 27 32.29 29.69 4.66
N ALA B 28 32.42 28.96 5.75
CA ALA B 28 32.89 27.56 5.68
C ALA B 28 31.88 26.70 4.92
N LEU B 29 30.61 26.96 5.19
CA LEU B 29 29.49 26.22 4.58
C LEU B 29 29.43 26.46 3.07
N LEU B 30 29.52 27.72 2.68
CA LEU B 30 29.43 28.12 1.26
C LEU B 30 30.66 27.61 0.48
N GLN B 31 31.78 27.59 1.17
CA GLN B 31 33.08 27.16 0.63
C GLN B 31 33.09 25.65 0.45
N HIS B 32 32.50 24.96 1.41
CA HIS B 32 32.43 23.49 1.36
C HIS B 32 31.48 23.07 0.25
N LEU B 33 30.41 23.85 0.15
CA LEU B 33 29.33 23.57 -0.81
C LEU B 33 29.82 23.65 -2.25
N ARG B 34 30.54 24.70 -2.58
CA ARG B 34 31.10 24.89 -3.93
C ARG B 34 32.20 23.86 -4.24
N ALA B 35 33.07 23.66 -3.27
CA ALA B 35 34.24 22.77 -3.43
C ALA B 35 33.88 21.32 -3.62
N PHE B 36 32.93 20.85 -2.82
CA PHE B 36 32.50 19.44 -2.88
C PHE B 36 31.47 19.18 -3.94
N TYR B 37 30.53 20.09 -4.06
CA TYR B 37 29.30 19.83 -4.83
C TYR B 37 29.07 20.75 -6.01
N GLY B 38 29.96 21.72 -6.19
CA GLY B 38 29.86 22.69 -7.28
C GLY B 38 28.62 23.56 -7.16
N ILE B 39 28.19 23.75 -5.93
CA ILE B 39 26.97 24.52 -5.62
C ILE B 39 27.34 25.91 -5.12
N LYS B 40 26.84 26.90 -5.86
CA LYS B 40 27.05 28.33 -5.60
C LYS B 40 25.72 28.96 -5.25
N VAL B 41 25.73 29.78 -4.22
CA VAL B 41 24.50 30.39 -3.68
C VAL B 41 24.34 31.86 -4.10
N GLY B 61 -4.61 45.02 6.73
CA GLY B 61 -5.60 44.95 7.82
C GLY B 61 -5.36 43.78 8.76
N GLY B 62 -5.30 42.58 8.18
CA GLY B 62 -5.14 41.35 8.93
C GLY B 62 -3.90 41.28 9.80
N LYS B 63 -4.07 40.66 10.96
CA LYS B 63 -3.00 40.50 11.96
C LYS B 63 -1.93 39.48 11.57
N ILE B 64 -2.31 38.51 10.75
CA ILE B 64 -1.51 37.30 10.57
C ILE B 64 -0.99 37.02 9.15
N PHE B 65 -1.87 37.06 8.17
CA PHE B 65 -1.54 36.63 6.82
C PHE B 65 -1.00 37.77 6.02
N GLY B 66 0.18 37.55 5.46
CA GLY B 66 0.88 38.58 4.67
C GLY B 66 1.86 39.37 5.49
N VAL B 67 1.92 39.06 6.76
CA VAL B 67 2.81 39.77 7.67
C VAL B 67 4.17 39.05 7.75
N PRO B 68 5.28 39.81 7.81
CA PRO B 68 6.57 39.15 8.00
C PRO B 68 6.46 38.31 9.25
N PHE B 69 6.87 37.04 9.15
CA PHE B 69 6.61 36.09 10.26
C PHE B 69 7.42 36.44 11.50
N ASN B 70 8.49 37.20 11.30
CA ASN B 70 9.38 37.63 12.40
C ASN B 70 8.77 38.74 13.24
N ALA B 71 7.79 39.42 12.66
CA ALA B 71 7.06 40.52 13.34
C ALA B 71 5.79 40.05 14.03
N LEU B 72 5.48 38.77 13.86
CA LEU B 72 4.24 38.17 14.43
C LEU B 72 4.34 37.91 15.94
N PRO B 73 3.18 37.79 16.62
CA PRO B 73 3.18 37.25 17.98
C PRO B 73 3.78 35.84 17.97
N HIS B 74 4.51 35.54 19.03
CA HIS B 74 5.26 34.33 19.13
C HIS B 74 4.93 33.63 20.43
N SER B 75 5.16 32.32 20.47
CA SER B 75 5.08 31.52 21.70
C SER B 75 6.34 30.68 21.89
N ALA B 76 6.74 30.57 23.15
CA ALA B 76 7.87 29.70 23.53
C ALA B 76 7.41 28.27 23.46
N VAL B 77 8.12 27.49 22.67
CA VAL B 77 7.95 26.04 22.56
C VAL B 77 9.20 25.32 23.07
N PRO B 78 9.02 24.30 23.92
CA PRO B 78 10.19 23.54 24.37
C PRO B 78 10.96 22.91 23.23
N GLU B 79 12.27 23.08 23.30
CA GLU B 79 13.19 22.54 22.31
C GLU B 79 13.13 23.24 20.95
N TYR B 80 12.28 24.26 20.81
CA TYR B 80 12.19 25.02 19.53
C TYR B 80 12.42 26.54 19.67
N GLY B 81 12.34 27.05 20.87
CA GLY B 81 12.41 28.51 21.09
C GLY B 81 11.09 29.22 20.84
N HIS B 82 11.18 30.47 20.39
CA HIS B 82 9.99 31.30 20.06
C HIS B 82 9.49 31.00 18.65
N ILE B 83 8.23 30.60 18.54
CA ILE B 83 7.59 30.27 17.23
C ILE B 83 6.36 31.13 17.08
N PRO B 84 6.04 31.57 15.85
CA PRO B 84 4.79 32.32 15.65
C PRO B 84 3.64 31.59 16.27
N SER B 85 2.85 32.36 16.97
CA SER B 85 1.75 31.85 17.78
C SER B 85 0.68 31.18 16.91
N PHE B 86 0.45 31.72 15.72
CA PHE B 86 -0.48 31.07 14.76
C PHE B 86 -0.06 29.63 14.35
N LEU B 87 1.23 29.48 14.09
CA LEU B 87 1.79 28.17 13.66
C LEU B 87 1.67 27.14 14.76
N VAL B 88 1.93 27.59 15.98
CA VAL B 88 1.85 26.74 17.16
C VAL B 88 0.42 26.29 17.38
N ASP B 89 -0.53 27.22 17.24
CA ASP B 89 -1.96 26.91 17.44
C ASP B 89 -2.49 25.98 16.33
N ALA B 90 -2.21 26.34 15.10
CA ALA B 90 -2.60 25.51 13.93
C ALA B 90 -2.09 24.06 14.07
N CYS B 91 -0.79 23.93 14.30
CA CYS B 91 -0.14 22.61 14.35
C CYS B 91 -0.64 21.78 15.52
N THR B 92 -0.81 22.46 16.65
CA THR B 92 -1.32 21.85 17.87
C THR B 92 -2.76 21.36 17.67
N SER B 93 -3.59 22.19 17.05
CA SER B 93 -5.01 21.86 16.90
C SER B 93 -5.20 20.62 16.05
N LEU B 94 -4.27 20.46 15.12
CA LEU B 94 -4.30 19.38 14.12
C LEU B 94 -3.77 18.06 14.65
N GLU B 95 -3.40 18.06 15.93
CA GLU B 95 -2.64 16.93 16.48
C GLU B 95 -3.45 15.66 16.59
N ASP B 96 -4.66 15.77 17.12
CA ASP B 96 -5.55 14.61 17.27
C ASP B 96 -6.21 14.23 15.94
N HIS B 97 -5.73 14.85 14.88
CA HIS B 97 -6.27 14.64 13.54
C HIS B 97 -5.28 14.10 12.52
N ILE B 98 -4.04 13.91 12.96
CA ILE B 98 -2.94 13.42 12.09
C ILE B 98 -3.24 12.03 11.50
N HIS B 99 -4.11 11.30 12.19
CA HIS B 99 -4.51 9.93 11.80
C HIS B 99 -5.34 9.82 10.50
N THR B 100 -5.81 10.94 9.97
CA THR B 100 -6.90 10.93 8.99
C THR B 100 -6.50 11.25 7.56
N GLU B 101 -7.08 10.49 6.65
CA GLU B 101 -6.90 10.70 5.20
C GLU B 101 -7.69 11.93 4.74
N SER B 107 -8.72 20.08 -1.13
CA SER B 107 -8.50 21.36 -0.42
C SER B 107 -9.82 22.00 0.02
N GLY B 108 -10.84 21.15 0.09
CA GLY B 108 -12.07 21.45 0.82
C GLY B 108 -13.05 22.38 0.17
N SER B 109 -13.10 23.60 0.72
CA SER B 109 -14.04 24.64 0.28
C SER B 109 -13.49 26.06 0.53
N VAL B 110 -13.43 26.85 -0.54
CA VAL B 110 -12.73 28.15 -0.53
C VAL B 110 -13.43 29.22 0.30
N ILE B 111 -14.75 29.24 0.15
CA ILE B 111 -15.59 30.20 0.88
C ILE B 111 -15.36 29.99 2.36
N ARG B 112 -15.45 28.74 2.75
CA ARG B 112 -15.40 28.35 4.15
C ARG B 112 -14.04 28.67 4.77
N LEU B 113 -13.02 28.41 3.98
CA LEU B 113 -11.66 28.64 4.40
C LEU B 113 -11.39 30.11 4.44
N LYS B 114 -12.01 30.80 3.51
CA LYS B 114 -11.89 32.27 3.43
C LYS B 114 -12.34 32.92 4.73
N ALA B 115 -13.53 32.50 5.17
CA ALA B 115 -14.15 32.95 6.44
C ALA B 115 -13.26 32.73 7.69
N LEU B 116 -12.61 31.57 7.72
CA LEU B 116 -11.78 31.21 8.88
C LEU B 116 -10.49 32.04 8.89
N LYS B 117 -9.96 32.27 7.70
CA LYS B 117 -8.80 33.18 7.52
C LYS B 117 -9.12 34.58 8.06
N ASN B 118 -10.34 35.04 7.85
CA ASN B 118 -10.75 36.39 8.34
C ASN B 118 -10.76 36.46 9.85
N LYS B 119 -11.44 35.50 10.44
CA LYS B 119 -11.57 35.43 11.92
C LYS B 119 -10.21 35.38 12.61
N VAL B 120 -9.23 34.76 11.95
CA VAL B 120 -7.85 34.65 12.44
C VAL B 120 -7.07 35.94 12.18
N ASP B 121 -7.37 36.58 11.06
CA ASP B 121 -6.72 37.85 10.70
C ASP B 121 -7.23 39.04 11.52
N HIS B 122 -8.48 38.98 11.90
CA HIS B 122 -9.13 40.08 12.64
C HIS B 122 -9.72 39.57 13.93
N GLY B 123 -8.82 39.21 14.83
CA GLY B 123 -9.18 38.62 16.10
C GLY B 123 -8.48 37.30 16.33
N PRO B 131 -12.45 22.96 10.99
CA PRO B 131 -12.22 21.57 10.65
C PRO B 131 -10.80 21.37 10.20
N PRO B 132 -10.32 20.11 10.23
CA PRO B 132 -8.90 19.82 10.06
C PRO B 132 -8.37 20.31 8.73
N CYS B 133 -9.18 20.14 7.69
CA CYS B 133 -8.77 20.51 6.32
C CYS B 133 -8.74 22.03 6.13
N ASP B 134 -9.49 22.74 6.97
CA ASP B 134 -9.48 24.22 7.00
C ASP B 134 -8.27 24.75 7.72
N ILE B 135 -7.90 24.04 8.78
CA ILE B 135 -6.70 24.38 9.53
C ILE B 135 -5.51 24.13 8.63
N ALA B 136 -5.50 22.92 8.09
CA ALA B 136 -4.48 22.47 7.13
C ALA B 136 -4.42 23.32 5.87
N GLY B 137 -5.56 23.87 5.50
CA GLY B 137 -5.64 24.84 4.39
C GLY B 137 -5.03 26.21 4.71
N LEU B 138 -5.23 26.65 5.95
CA LEU B 138 -4.69 27.95 6.38
C LEU B 138 -3.17 27.88 6.44
N LEU B 139 -2.69 26.72 6.84
CA LEU B 139 -1.26 26.51 6.96
C LEU B 139 -0.59 26.77 5.63
N LYS B 140 -1.13 26.14 4.61
CA LYS B 140 -0.56 26.25 3.29
C LYS B 140 -0.53 27.71 2.91
N GLN B 141 -1.68 28.31 3.14
CA GLN B 141 -1.94 29.72 2.78
C GLN B 141 -1.08 30.69 3.59
N PHE B 142 -0.80 30.32 4.83
CA PHE B 142 0.18 31.06 5.67
C PHE B 142 1.52 31.18 4.97
N PHE B 143 2.02 30.06 4.47
CA PHE B 143 3.34 30.03 3.80
C PHE B 143 3.31 30.67 2.41
N ARG B 144 2.21 30.44 1.71
CA ARG B 144 2.02 30.99 0.38
C ARG B 144 2.07 32.52 0.42
N GLU B 145 1.58 33.07 1.52
CA GLU B 145 1.35 34.51 1.65
C GLU B 145 2.39 35.31 2.44
N LEU B 146 3.50 34.69 2.80
CA LEU B 146 4.60 35.43 3.43
C LEU B 146 5.16 36.44 2.42
N PRO B 147 5.62 37.62 2.89
CA PRO B 147 6.18 38.57 1.92
C PRO B 147 7.40 38.03 1.14
N GLU B 148 8.24 37.29 1.86
CA GLU B 148 9.32 36.50 1.27
C GLU B 148 9.02 35.01 1.52
N PRO B 149 9.37 34.13 0.56
CA PRO B 149 9.24 32.69 0.87
C PRO B 149 10.16 32.33 2.01
N ILE B 150 9.66 31.52 2.90
CA ILE B 150 10.41 31.16 4.10
C ILE B 150 11.71 30.46 3.70
N LEU B 151 11.62 29.73 2.60
CA LEU B 151 12.77 29.16 1.89
C LEU B 151 13.16 30.19 0.83
N PRO B 152 14.21 30.97 1.10
CA PRO B 152 14.52 32.13 0.27
C PRO B 152 15.01 31.78 -1.14
N ALA B 153 14.59 32.61 -2.05
CA ALA B 153 14.82 32.42 -3.51
C ALA B 153 16.26 32.20 -3.90
N ASP B 154 17.17 32.90 -3.20
CA ASP B 154 18.61 32.87 -3.55
C ASP B 154 19.24 31.51 -3.28
N LEU B 155 18.48 30.66 -2.60
CA LEU B 155 18.91 29.26 -2.32
C LEU B 155 18.21 28.23 -3.22
N HIS B 156 17.12 28.65 -3.87
CA HIS B 156 16.25 27.70 -4.61
C HIS B 156 17.02 26.91 -5.68
N GLU B 157 17.83 27.62 -6.43
CA GLU B 157 18.65 26.99 -7.47
C GLU B 157 19.62 26.03 -6.81
N ALA B 158 20.18 26.47 -5.70
CA ALA B 158 21.11 25.64 -4.93
C ALA B 158 20.41 24.34 -4.53
N LEU B 159 19.21 24.51 -4.01
CA LEU B 159 18.43 23.39 -3.48
C LEU B 159 18.10 22.40 -4.58
N LEU B 160 17.71 22.94 -5.72
CA LEU B 160 17.50 22.12 -6.94
C LEU B 160 18.76 21.35 -7.38
N LYS B 161 19.90 22.03 -7.43
CA LYS B 161 21.16 21.33 -7.81
C LYS B 161 21.41 20.14 -6.89
N ALA B 162 21.14 20.35 -5.60
CA ALA B 162 21.43 19.32 -4.58
C ALA B 162 20.68 18.05 -4.95
N GLN B 163 19.52 18.26 -5.55
CA GLN B 163 18.60 17.16 -5.90
C GLN B 163 19.07 16.25 -7.04
N GLN B 164 19.97 16.77 -7.89
CA GLN B 164 20.56 15.93 -8.97
C GLN B 164 21.73 15.05 -8.49
N LEU B 165 22.22 15.34 -7.30
CA LEU B 165 23.21 14.44 -6.62
C LEU B 165 22.60 13.08 -6.29
N GLY B 166 23.47 12.10 -6.14
CA GLY B 166 23.08 10.80 -5.58
C GLY B 166 22.58 10.97 -4.14
N THR B 167 21.74 10.04 -3.70
CA THR B 167 20.97 10.20 -2.41
C THR B 167 21.77 10.69 -1.20
N GLU B 168 22.88 10.01 -0.92
CA GLU B 168 23.67 10.34 0.29
C GLU B 168 24.19 11.78 0.17
N GLU B 169 24.70 12.12 -1.00
CA GLU B 169 25.24 13.45 -1.25
C GLU B 169 24.14 14.51 -1.27
N LYS B 170 23.00 14.10 -1.79
CA LYS B 170 21.84 14.99 -1.91
C LYS B 170 21.39 15.46 -0.52
N ASN B 171 21.37 14.51 0.39
CA ASN B 171 20.95 14.79 1.76
C ASN B 171 21.90 15.69 2.47
N LYS B 172 23.18 15.48 2.21
CA LYS B 172 24.23 16.26 2.90
C LYS B 172 24.19 17.70 2.44
N ALA B 173 24.10 17.86 1.13
CA ALA B 173 24.07 19.17 0.50
C ALA B 173 22.83 19.97 0.91
N THR B 174 21.71 19.29 0.89
CA THR B 174 20.42 19.88 1.26
C THR B 174 20.47 20.36 2.69
N LEU B 175 20.92 19.50 3.60
CA LEU B 175 21.04 19.91 5.02
C LEU B 175 22.05 21.01 5.22
N LEU B 176 23.13 20.92 4.48
CA LEU B 176 24.15 21.97 4.53
C LEU B 176 23.52 23.29 4.13
N LEU B 177 22.77 23.23 3.03
CA LEU B 177 22.14 24.44 2.49
C LEU B 177 21.18 25.04 3.52
N SER B 178 20.51 24.15 4.24
CA SER B 178 19.59 24.54 5.34
C SER B 178 20.29 25.30 6.47
N CYS B 179 21.59 25.08 6.63
CA CYS B 179 22.40 25.75 7.64
C CYS B 179 22.71 27.18 7.29
N LEU B 180 22.32 27.56 6.07
CA LEU B 180 22.51 28.92 5.60
C LEU B 180 21.30 29.80 5.85
N LEU B 181 20.22 29.23 6.39
CA LEU B 181 19.01 30.02 6.67
C LEU B 181 19.27 30.89 7.88
N ALA B 182 18.57 32.02 7.95
CA ALA B 182 18.59 32.89 9.14
C ALA B 182 18.21 32.06 10.35
N ASP B 183 18.78 32.43 11.47
CA ASP B 183 18.63 31.68 12.72
C ASP B 183 17.19 31.45 13.10
N HIS B 184 16.43 32.49 12.97
CA HIS B 184 15.05 32.45 13.34
C HIS B 184 14.28 31.54 12.36
N THR B 185 14.67 31.62 11.09
CA THR B 185 14.09 30.75 10.06
C THR B 185 14.33 29.27 10.40
N VAL B 186 15.54 28.95 10.83
CA VAL B 186 15.87 27.55 11.21
C VAL B 186 14.89 27.08 12.30
N HIS B 187 14.71 27.92 13.29
CA HIS B 187 13.87 27.59 14.45
C HIS B 187 12.45 27.23 13.99
N VAL B 188 11.89 28.11 13.18
CA VAL B 188 10.53 27.98 12.66
C VAL B 188 10.33 26.79 11.70
N LEU B 189 11.28 26.63 10.79
CA LEU B 189 11.27 25.48 9.85
C LEU B 189 11.46 24.18 10.61
N ARG B 190 12.37 24.20 11.58
CA ARG B 190 12.59 23.03 12.45
C ARG B 190 11.24 22.61 13.04
N TYR B 191 10.60 23.58 13.67
CA TYR B 191 9.25 23.41 14.25
C TYR B 191 8.24 22.84 13.26
N PHE B 192 8.16 23.48 12.11
CA PHE B 192 7.12 23.10 11.15
C PHE B 192 7.41 21.78 10.43
N PHE B 193 8.67 21.52 10.15
CA PHE B 193 9.03 20.28 9.49
C PHE B 193 8.93 19.11 10.43
N ASN B 194 9.05 19.40 11.73
CA ASN B 194 8.79 18.40 12.78
C ASN B 194 7.38 17.90 12.67
N PHE B 195 6.47 18.85 12.54
CA PHE B 195 5.05 18.54 12.44
C PHE B 195 4.77 17.74 11.15
N LEU B 196 5.34 18.18 10.04
CA LEU B 196 5.16 17.49 8.76
C LEU B 196 5.76 16.10 8.80
N ARG B 197 6.89 16.00 9.47
CA ARG B 197 7.54 14.72 9.71
C ARG B 197 6.64 13.77 10.50
N ASN B 198 6.00 14.32 11.52
CA ASN B 198 5.06 13.54 12.34
C ASN B 198 3.87 13.05 11.52
N VAL B 199 3.36 13.88 10.63
CA VAL B 199 2.25 13.44 9.75
C VAL B 199 2.73 12.21 8.93
N SER B 200 3.96 12.33 8.43
CA SER B 200 4.41 11.45 7.37
C SER B 200 4.82 10.11 7.93
N LEU B 201 5.21 10.12 9.21
CA LEU B 201 5.55 8.88 9.93
C LEU B 201 4.33 8.03 10.26
N ARG B 202 3.16 8.59 9.97
CA ARG B 202 1.88 7.93 10.18
C ARG B 202 1.11 7.67 8.88
N SER B 203 1.86 7.54 7.80
CA SER B 203 1.25 7.44 6.45
C SER B 203 0.44 6.15 6.24
N SER B 204 0.64 5.19 7.12
CA SER B 204 -0.16 3.93 7.05
C SER B 204 -1.61 4.19 7.41
N GLU B 205 -1.83 5.31 8.08
CA GLU B 205 -3.17 5.71 8.52
C GLU B 205 -3.74 6.79 7.61
N ASN B 206 -2.92 7.80 7.38
CA ASN B 206 -3.35 9.03 6.68
C ASN B 206 -3.06 9.02 5.19
N LYS B 207 -2.24 8.09 4.77
CA LYS B 207 -1.89 7.92 3.35
C LYS B 207 -1.15 9.13 2.77
N MET B 208 -0.65 9.98 3.64
CA MET B 208 0.18 11.10 3.19
C MET B 208 1.64 10.85 3.57
N ASP B 209 2.35 10.17 2.69
CA ASP B 209 3.81 10.03 2.86
C ASP B 209 4.50 11.34 2.57
N SER B 210 5.77 11.36 2.90
CA SER B 210 6.57 12.59 2.82
C SER B 210 6.63 13.17 1.42
N SER B 211 6.58 12.26 0.46
CA SER B 211 6.49 12.63 -0.97
C SER B 211 5.16 13.32 -1.32
N ASN B 212 4.09 12.74 -0.80
CA ASN B 212 2.74 13.27 -1.04
C ASN B 212 2.62 14.66 -0.41
N LEU B 213 3.08 14.75 0.83
CA LEU B 213 3.09 16.01 1.63
C LEU B 213 3.93 17.14 1.00
N ALA B 214 5.04 16.75 0.41
CA ALA B 214 5.97 17.69 -0.22
C ALA B 214 5.38 18.30 -1.46
N VAL B 215 4.71 17.45 -2.24
CA VAL B 215 4.07 17.84 -3.50
C VAL B 215 3.06 18.93 -3.22
N ILE B 216 2.45 18.83 -2.05
CA ILE B 216 1.43 19.80 -1.57
C ILE B 216 2.05 21.07 -0.96
N PHE B 217 3.14 20.90 -0.23
CA PHE B 217 3.69 22.03 0.53
C PHE B 217 4.70 22.87 -0.24
N ALA B 218 5.41 22.21 -1.12
CA ALA B 218 6.55 22.86 -1.76
C ALA B 218 6.13 24.14 -2.54
N PRO B 219 5.08 24.06 -3.40
CA PRO B 219 4.70 25.29 -4.11
C PRO B 219 4.46 26.48 -3.15
N ASN B 220 3.84 26.19 -2.02
CA ASN B 220 3.52 27.21 -1.02
C ASN B 220 4.77 27.73 -0.30
N LEU B 221 5.64 26.80 0.09
CA LEU B 221 6.88 27.16 0.82
C LEU B 221 7.88 27.94 -0.04
N LEU B 222 7.89 27.62 -1.32
CA LEU B 222 8.80 28.21 -2.29
C LEU B 222 8.15 29.34 -3.05
N GLN B 223 6.83 29.41 -2.91
CA GLN B 223 5.99 30.39 -3.60
C GLN B 223 6.14 30.26 -5.13
N THR B 224 5.57 29.16 -5.63
CA THR B 224 5.58 28.84 -7.08
C THR B 224 4.19 28.44 -7.60
N SER B 225 4.07 28.32 -8.92
CA SER B 225 2.78 27.92 -9.54
C SER B 225 2.44 26.46 -9.18
N SER B 233 7.76 19.41 -20.32
CA SER B 233 8.46 18.28 -19.73
C SER B 233 9.63 18.73 -18.86
N ASN B 234 10.49 19.54 -19.47
CA ASN B 234 11.63 20.15 -18.72
C ASN B 234 11.16 20.92 -17.49
N THR B 235 10.00 21.57 -17.64
CA THR B 235 9.32 22.32 -16.55
C THR B 235 8.68 21.41 -15.52
N GLU B 236 8.22 20.26 -15.97
CA GLU B 236 7.68 19.21 -15.09
C GLU B 236 8.75 18.69 -14.13
N LYS B 237 9.91 18.39 -14.68
CA LYS B 237 11.06 17.87 -13.90
C LYS B 237 11.49 18.87 -12.83
N LYS B 238 11.24 20.13 -13.13
CA LYS B 238 11.54 21.22 -12.18
C LYS B 238 10.67 21.08 -10.92
N LEU B 239 9.37 21.03 -11.16
CA LEU B 239 8.35 20.86 -10.10
C LEU B 239 8.58 19.59 -9.27
N ARG B 240 9.03 18.55 -9.93
CA ARG B 240 9.32 17.26 -9.28
C ARG B 240 10.46 17.41 -8.31
N LEU B 241 11.51 18.05 -8.81
CA LEU B 241 12.74 18.27 -8.03
C LEU B 241 12.45 19.18 -6.85
N GLN B 242 11.61 20.17 -7.08
CA GLN B 242 11.22 21.13 -6.00
C GLN B 242 10.52 20.40 -4.84
N ALA B 243 9.59 19.54 -5.19
CA ALA B 243 8.93 18.69 -4.20
C ALA B 243 9.97 17.80 -3.45
N ALA B 244 10.93 17.28 -4.20
CA ALA B 244 11.99 16.40 -3.60
C ALA B 244 12.81 17.13 -2.54
N VAL B 245 13.06 18.42 -2.79
CA VAL B 245 13.72 19.31 -1.80
C VAL B 245 13.00 19.27 -0.45
N VAL B 246 11.69 19.50 -0.55
CA VAL B 246 10.81 19.59 0.62
C VAL B 246 10.68 18.21 1.26
N GLN B 247 10.63 17.19 0.42
CA GLN B 247 10.54 15.79 0.88
C GLN B 247 11.77 15.46 1.73
N THR B 248 12.93 15.90 1.29
CA THR B 248 14.19 15.65 2.01
C THR B 248 14.16 16.31 3.37
N LEU B 249 13.56 17.49 3.37
CA LEU B 249 13.42 18.34 4.57
C LEU B 249 12.46 17.80 5.58
N ILE B 250 11.39 17.19 5.11
CA ILE B 250 10.48 16.43 6.02
C ILE B 250 11.21 15.22 6.57
N ASP B 251 11.85 14.49 5.71
CA ASP B 251 12.45 13.22 6.13
C ASP B 251 13.54 13.46 7.14
N TYR B 252 14.29 14.53 6.94
CA TYR B 252 15.44 14.84 7.80
C TYR B 252 15.17 16.02 8.72
N ALA B 253 13.90 16.13 9.12
CA ALA B 253 13.40 17.28 9.89
C ALA B 253 14.29 17.66 11.07
N SER B 254 14.78 16.62 11.75
CA SER B 254 15.56 16.78 13.00
C SER B 254 16.93 17.40 12.76
N ASP B 255 17.38 17.32 11.53
CA ASP B 255 18.72 17.76 11.21
C ASP B 255 18.77 19.10 10.56
N ILE B 256 17.61 19.70 10.37
CA ILE B 256 17.53 21.02 9.72
C ILE B 256 18.31 22.03 10.54
N GLY B 257 19.24 22.72 9.89
CA GLY B 257 20.06 23.72 10.57
C GLY B 257 21.19 23.22 11.45
N ARG B 258 21.34 21.89 11.52
CA ARG B 258 22.48 21.27 12.28
C ARG B 258 23.79 21.27 11.49
N VAL B 259 24.78 22.03 11.96
CA VAL B 259 26.03 22.12 11.24
C VAL B 259 26.78 20.83 11.58
N PRO B 260 27.29 20.10 10.58
CA PRO B 260 28.15 18.94 10.81
C PRO B 260 29.46 19.29 11.49
N ASP B 261 29.95 18.33 12.26
CA ASP B 261 31.22 18.47 12.97
C ASP B 261 32.33 18.92 12.04
N PHE B 262 32.41 18.30 10.88
CA PHE B 262 33.60 18.50 10.02
C PHE B 262 33.63 19.95 9.52
N ILE B 263 32.46 20.59 9.49
CA ILE B 263 32.40 22.02 9.16
C ILE B 263 33.00 22.81 10.33
N LEU B 264 32.50 22.53 11.51
CA LEU B 264 32.89 23.25 12.73
C LEU B 264 34.37 23.10 13.05
N GLU B 265 34.87 21.93 12.68
CA GLU B 265 36.29 21.54 12.79
C GLU B 265 37.22 22.45 12.03
N LYS B 266 36.72 22.95 10.92
CA LYS B 266 37.52 23.74 9.95
C LYS B 266 37.56 25.23 10.32
N ILE B 267 36.80 25.58 11.35
CA ILE B 267 36.65 26.96 11.77
C ILE B 267 37.91 27.42 12.52
N PRO B 268 38.42 28.61 12.17
CA PRO B 268 39.63 29.05 12.82
C PRO B 268 39.45 29.38 14.29
N ALA B 269 40.53 29.18 15.02
CA ALA B 269 40.62 29.54 16.45
C ALA B 269 40.67 31.06 16.64
N ASP C 21 29.00 14.22 36.31
CA ASP C 21 28.23 15.10 35.37
C ASP C 21 27.50 14.31 34.28
N GLN C 22 28.04 13.16 33.89
CA GLN C 22 27.24 12.20 33.11
C GLN C 22 26.28 11.53 34.09
N ARG C 23 26.79 11.26 35.29
CA ARG C 23 25.96 10.83 36.44
C ARG C 23 24.77 11.76 36.65
N LEU C 24 25.08 13.04 36.67
CA LEU C 24 24.05 14.08 36.85
C LEU C 24 23.06 14.10 35.72
N VAL C 25 23.59 13.92 34.51
CA VAL C 25 22.79 13.95 33.29
C VAL C 25 21.79 12.81 33.30
N ARG C 26 22.25 11.66 33.76
CA ARG C 26 21.39 10.46 33.92
C ARG C 26 20.23 10.67 34.90
N LEU C 27 20.59 11.20 36.06
CA LEU C 27 19.61 11.55 37.13
C LEU C 27 18.54 12.50 36.65
N ALA C 28 18.98 13.49 35.87
CA ALA C 28 18.07 14.51 35.28
C ALA C 28 17.17 13.87 34.22
N LEU C 29 17.77 12.99 33.44
CA LEU C 29 17.02 12.22 32.44
C LEU C 29 15.95 11.39 33.15
N LEU C 30 16.38 10.67 34.17
CA LEU C 30 15.49 9.78 34.94
C LEU C 30 14.35 10.52 35.64
N GLN C 31 14.66 11.70 36.15
CA GLN C 31 13.66 12.56 36.76
C GLN C 31 12.60 12.99 35.75
N HIS C 32 13.06 13.52 34.64
CA HIS C 32 12.13 14.01 33.59
C HIS C 32 11.24 12.88 32.99
N LEU C 33 11.83 11.70 32.91
CA LEU C 33 11.10 10.49 32.43
C LEU C 33 9.96 10.13 33.33
N ARG C 34 10.22 10.23 34.63
CA ARG C 34 9.20 10.01 35.66
C ARG C 34 8.15 11.13 35.67
N ALA C 35 8.60 12.36 35.54
CA ALA C 35 7.74 13.57 35.79
C ALA C 35 6.70 13.77 34.70
N PHE C 36 7.14 13.62 33.45
CA PHE C 36 6.31 13.94 32.28
C PHE C 36 5.50 12.75 31.80
N TYR C 37 6.11 11.58 31.95
CA TYR C 37 5.63 10.32 31.32
C TYR C 37 5.44 9.13 32.23
N GLY C 38 5.68 9.33 33.52
CA GLY C 38 5.50 8.28 34.52
C GLY C 38 6.35 7.04 34.32
N ILE C 39 7.51 7.23 33.73
CA ILE C 39 8.47 6.14 33.51
C ILE C 39 9.57 6.13 34.56
N LYS C 40 9.51 5.14 35.41
CA LYS C 40 10.58 4.88 36.38
C LYS C 40 11.49 3.87 35.72
N VAL C 41 12.70 3.74 36.25
CA VAL C 41 13.71 2.86 35.65
C VAL C 41 14.38 1.97 36.70
N GLY C 62 35.19 -18.34 16.47
CA GLY C 62 35.57 -17.21 15.63
C GLY C 62 35.73 -15.92 16.40
N LYS C 63 36.06 -14.89 15.64
CA LYS C 63 36.48 -13.59 16.15
C LYS C 63 35.44 -12.48 15.98
N ILE C 64 34.38 -12.73 15.21
CA ILE C 64 33.34 -11.73 15.00
C ILE C 64 32.07 -12.04 15.80
N PHE C 65 31.51 -13.21 15.55
CA PHE C 65 30.17 -13.55 16.08
C PHE C 65 30.27 -14.11 17.48
N GLY C 66 29.41 -13.61 18.33
CA GLY C 66 29.36 -14.02 19.73
C GLY C 66 30.30 -13.25 20.62
N VAL C 67 30.90 -12.23 20.05
CA VAL C 67 31.96 -11.49 20.69
C VAL C 67 31.38 -10.15 21.17
N PRO C 68 31.83 -9.65 22.35
CA PRO C 68 31.42 -8.32 22.77
C PRO C 68 31.83 -7.32 21.72
N PHE C 69 30.88 -6.50 21.30
CA PHE C 69 31.12 -5.60 20.13
C PHE C 69 32.18 -4.54 20.40
N ASN C 70 32.43 -4.28 21.67
CA ASN C 70 33.44 -3.32 22.10
C ASN C 70 34.86 -3.86 21.93
N ALA C 71 34.93 -5.18 21.77
CA ALA C 71 36.21 -5.89 21.66
C ALA C 71 36.54 -6.29 20.23
N LEU C 72 35.81 -5.69 19.29
CA LEU C 72 35.97 -5.99 17.87
C LEU C 72 36.83 -4.94 17.18
N PRO C 73 37.48 -5.28 16.05
CA PRO C 73 38.08 -4.21 15.24
C PRO C 73 37.05 -3.19 14.75
N HIS C 74 37.50 -1.95 14.82
CA HIS C 74 36.69 -0.80 14.52
C HIS C 74 37.26 -0.02 13.37
N SER C 75 36.36 0.64 12.69
CA SER C 75 36.68 1.60 11.64
C SER C 75 36.13 2.96 11.99
N ALA C 76 36.94 3.96 11.72
CA ALA C 76 36.56 5.38 11.89
C ALA C 76 35.59 5.76 10.77
N VAL C 77 34.47 6.32 11.19
CA VAL C 77 33.44 6.81 10.27
C VAL C 77 33.23 8.27 10.58
N PRO C 78 33.40 9.15 9.58
CA PRO C 78 33.04 10.56 9.76
C PRO C 78 31.66 10.75 10.36
N GLU C 79 31.60 11.73 11.25
CA GLU C 79 30.40 12.08 12.02
C GLU C 79 29.94 11.01 12.99
N TYR C 80 30.11 9.73 12.67
CA TYR C 80 29.65 8.66 13.57
C TYR C 80 30.72 8.18 14.53
N GLY C 81 31.96 8.33 14.10
CA GLY C 81 33.13 7.99 14.93
C GLY C 81 33.58 6.57 14.67
N HIS C 82 33.90 5.85 15.76
CA HIS C 82 34.40 4.47 15.68
C HIS C 82 33.37 3.38 15.82
N ILE C 83 33.23 2.62 14.75
CA ILE C 83 32.21 1.63 14.59
C ILE C 83 32.85 0.23 14.27
N PRO C 84 32.27 -0.86 14.80
CA PRO C 84 32.70 -2.15 14.40
C PRO C 84 32.77 -2.28 12.87
N SER C 85 33.94 -2.67 12.44
CA SER C 85 34.28 -2.73 11.03
C SER C 85 33.39 -3.68 10.26
N PHE C 86 32.98 -4.76 10.94
CA PHE C 86 31.99 -5.68 10.37
C PHE C 86 30.72 -4.95 9.97
N LEU C 87 30.21 -4.16 10.89
CA LEU C 87 29.00 -3.37 10.68
C LEU C 87 29.19 -2.39 9.56
N VAL C 88 30.34 -1.77 9.56
CA VAL C 88 30.64 -0.81 8.53
C VAL C 88 30.60 -1.52 7.15
N ASP C 89 31.36 -2.59 7.07
CA ASP C 89 31.48 -3.31 5.80
C ASP C 89 30.17 -3.88 5.32
N ALA C 90 29.46 -4.55 6.21
CA ALA C 90 28.08 -5.05 5.97
C ALA C 90 27.17 -3.99 5.42
N CYS C 91 27.05 -2.89 6.14
CA CYS C 91 26.11 -1.80 5.77
C CYS C 91 26.60 -1.11 4.49
N THR C 92 27.89 -0.84 4.44
CA THR C 92 28.53 -0.28 3.23
C THR C 92 28.25 -1.16 2.02
N SER C 93 28.31 -2.46 2.22
CA SER C 93 28.11 -3.39 1.12
C SER C 93 26.65 -3.43 0.67
N LEU C 94 25.72 -3.13 1.57
CA LEU C 94 24.27 -3.15 1.23
C LEU C 94 23.73 -1.82 0.68
N GLU C 95 24.59 -0.81 0.68
CA GLU C 95 24.16 0.53 0.23
C GLU C 95 23.60 0.55 -1.18
N ASP C 96 24.15 -0.25 -2.05
CA ASP C 96 23.74 -0.22 -3.47
C ASP C 96 22.62 -1.18 -3.79
N HIS C 97 22.09 -1.80 -2.73
CA HIS C 97 20.96 -2.77 -2.82
C HIS C 97 19.74 -2.41 -1.97
N ILE C 98 19.85 -1.30 -1.27
CA ILE C 98 18.81 -0.79 -0.35
C ILE C 98 17.47 -0.62 -1.05
N HIS C 99 17.59 -0.23 -2.28
CA HIS C 99 16.46 -0.07 -3.20
C HIS C 99 15.78 -1.40 -3.57
N THR C 100 16.53 -2.47 -3.46
CA THR C 100 16.08 -3.79 -3.92
C THR C 100 15.07 -4.41 -2.95
N GLU C 101 13.88 -4.65 -3.50
CA GLU C 101 12.81 -5.33 -2.76
C GLU C 101 13.21 -6.79 -2.47
N GLY C 102 13.07 -7.17 -1.21
CA GLY C 102 13.41 -8.53 -0.73
C GLY C 102 14.73 -8.68 0.00
N LEU C 103 15.46 -7.58 0.15
CA LEU C 103 16.78 -7.64 0.82
C LEU C 103 16.69 -8.24 2.23
N PHE C 104 15.83 -7.62 3.04
CA PHE C 104 15.55 -8.09 4.41
C PHE C 104 14.31 -9.01 4.49
N SER C 109 19.75 -19.21 1.35
CA SER C 109 20.01 -20.52 1.98
C SER C 109 20.64 -20.40 3.36
N VAL C 110 20.10 -21.18 4.29
CA VAL C 110 20.72 -21.30 5.63
C VAL C 110 22.17 -21.83 5.53
N ILE C 111 22.36 -22.70 4.57
CA ILE C 111 23.65 -23.35 4.33
C ILE C 111 24.65 -22.33 3.81
N ARG C 112 24.18 -21.55 2.83
CA ARG C 112 25.01 -20.51 2.19
C ARG C 112 25.35 -19.42 3.18
N LEU C 113 24.37 -19.07 4.01
CA LEU C 113 24.54 -18.03 5.04
C LEU C 113 25.57 -18.41 6.11
N LYS C 114 25.58 -19.69 6.44
CA LYS C 114 26.50 -20.27 7.41
C LYS C 114 27.92 -20.29 6.85
N ALA C 115 28.04 -20.75 5.61
CA ALA C 115 29.35 -20.67 4.93
C ALA C 115 29.92 -19.25 5.04
N LEU C 116 29.07 -18.25 4.87
CA LEU C 116 29.53 -16.84 4.84
C LEU C 116 29.91 -16.35 6.25
N LYS C 117 29.15 -16.82 7.22
CA LYS C 117 29.41 -16.52 8.61
C LYS C 117 30.81 -17.00 9.00
N ASN C 118 31.12 -18.20 8.58
CA ASN C 118 32.41 -18.83 8.91
C ASN C 118 33.59 -18.09 8.27
N LYS C 119 33.34 -17.52 7.12
CA LYS C 119 34.39 -16.81 6.38
C LYS C 119 34.67 -15.55 7.15
N VAL C 120 33.60 -14.83 7.45
CA VAL C 120 33.68 -13.57 8.24
C VAL C 120 34.31 -13.78 9.62
N ASP C 121 33.95 -14.87 10.27
CA ASP C 121 34.46 -15.15 11.62
C ASP C 121 35.97 -15.41 11.63
N HIS C 122 36.52 -15.66 10.44
CA HIS C 122 37.95 -15.87 10.24
C HIS C 122 38.55 -14.86 9.24
N GLY C 123 37.94 -13.70 9.21
CA GLY C 123 38.40 -12.59 8.36
C GLY C 123 38.61 -12.88 6.88
N GLU C 124 37.76 -13.75 6.34
CA GLU C 124 37.78 -14.07 4.91
C GLU C 124 36.46 -13.62 4.30
N GLY C 125 35.86 -12.66 4.96
CA GLY C 125 34.53 -12.13 4.56
C GLY C 125 34.19 -11.89 3.11
N CYS C 126 34.93 -10.98 2.49
CA CYS C 126 34.62 -10.52 1.12
C CYS C 126 33.13 -10.07 0.99
N LEU C 127 32.72 -9.20 1.90
CA LEU C 127 31.29 -8.77 1.96
C LEU C 127 30.77 -8.05 0.72
N SER C 128 31.63 -7.29 0.06
CA SER C 128 31.21 -6.50 -1.14
C SER C 128 30.61 -7.41 -2.22
N SER C 129 31.34 -8.46 -2.51
CA SER C 129 30.96 -9.42 -3.58
C SER C 129 29.93 -10.46 -3.17
N ALA C 130 29.37 -10.33 -1.96
CA ALA C 130 28.46 -11.35 -1.37
C ALA C 130 26.99 -11.06 -1.67
N PRO C 131 26.16 -12.10 -1.81
CA PRO C 131 24.76 -11.79 -2.12
C PRO C 131 24.13 -10.88 -1.07
N PRO C 132 23.38 -9.86 -1.52
CA PRO C 132 22.68 -8.94 -0.62
C PRO C 132 21.95 -9.61 0.51
N CYS C 133 21.28 -10.72 0.19
CA CYS C 133 20.35 -11.35 1.16
C CYS C 133 21.14 -11.99 2.28
N ASP C 134 22.33 -12.46 1.94
CA ASP C 134 23.23 -13.08 2.93
C ASP C 134 23.82 -12.05 3.90
N ILE C 135 24.15 -10.88 3.39
CA ILE C 135 24.70 -9.83 4.25
C ILE C 135 23.64 -9.39 5.25
N ALA C 136 22.40 -9.27 4.76
CA ALA C 136 21.23 -8.89 5.60
C ALA C 136 21.03 -9.88 6.71
N GLY C 137 21.04 -11.15 6.35
CA GLY C 137 20.94 -12.26 7.32
C GLY C 137 22.04 -12.18 8.39
N LEU C 138 23.25 -11.86 7.96
CA LEU C 138 24.43 -11.79 8.90
C LEU C 138 24.27 -10.59 9.88
N LEU C 139 23.60 -9.55 9.41
CA LEU C 139 23.34 -8.37 10.29
C LEU C 139 22.37 -8.71 11.44
N LYS C 140 21.30 -9.40 11.08
CA LYS C 140 20.36 -9.89 12.12
C LYS C 140 21.14 -10.79 13.08
N GLN C 141 21.80 -11.75 12.49
CA GLN C 141 22.55 -12.74 13.25
C GLN C 141 23.58 -12.09 14.15
N PHE C 142 24.36 -11.16 13.59
CA PHE C 142 25.27 -10.32 14.42
C PHE C 142 24.61 -9.77 15.72
N PHE C 143 23.49 -9.08 15.60
CA PHE C 143 22.86 -8.53 16.82
C PHE C 143 22.33 -9.62 17.74
N ARG C 144 21.83 -10.67 17.13
CA ARG C 144 21.26 -11.81 17.84
C ARG C 144 22.23 -12.46 18.80
N GLU C 145 23.48 -12.53 18.34
CA GLU C 145 24.49 -13.35 19.00
C GLU C 145 25.42 -12.61 19.91
N LEU C 146 25.14 -11.32 20.09
CA LEU C 146 25.95 -10.49 20.98
C LEU C 146 25.79 -11.06 22.37
N PRO C 147 26.87 -11.08 23.16
CA PRO C 147 26.71 -11.73 24.48
C PRO C 147 25.57 -11.10 25.29
N GLU C 148 25.56 -9.78 25.28
CA GLU C 148 24.51 -8.96 25.88
C GLU C 148 23.73 -8.22 24.77
N PRO C 149 22.41 -8.03 24.94
CA PRO C 149 21.64 -7.30 23.91
C PRO C 149 22.09 -5.87 23.78
N ILE C 150 22.13 -5.40 22.55
CA ILE C 150 22.60 -4.02 22.26
C ILE C 150 21.69 -2.97 22.93
N LEU C 151 20.39 -3.26 22.93
CA LEU C 151 19.41 -2.55 23.77
C LEU C 151 19.28 -3.33 25.08
N PRO C 152 19.88 -2.81 26.18
CA PRO C 152 20.01 -3.58 27.43
C PRO C 152 18.69 -3.91 28.12
N ALA C 153 18.72 -5.08 28.75
CA ALA C 153 17.56 -5.67 29.43
C ALA C 153 16.89 -4.72 30.44
N ASP C 154 17.69 -3.89 31.07
CA ASP C 154 17.21 -2.96 32.13
C ASP C 154 16.37 -1.78 31.59
N LEU C 155 16.59 -1.48 30.33
CA LEU C 155 15.84 -0.41 29.65
C LEU C 155 14.61 -0.94 28.92
N HIS C 156 14.47 -2.27 28.91
CA HIS C 156 13.44 -2.93 28.08
C HIS C 156 12.03 -2.55 28.52
N GLU C 157 11.78 -2.71 29.81
CA GLU C 157 10.46 -2.42 30.40
C GLU C 157 10.11 -0.96 30.16
N ALA C 158 11.04 -0.10 30.53
CA ALA C 158 10.82 1.35 30.37
C ALA C 158 10.48 1.70 28.91
N LEU C 159 11.18 1.05 28.01
CA LEU C 159 11.00 1.30 26.56
C LEU C 159 9.64 0.85 26.09
N LEU C 160 9.19 -0.28 26.62
CA LEU C 160 7.82 -0.79 26.34
C LEU C 160 6.77 0.17 26.92
N LYS C 161 6.99 0.60 28.15
CA LYS C 161 6.12 1.61 28.77
C LYS C 161 5.98 2.86 27.89
N ALA C 162 7.09 3.35 27.38
CA ALA C 162 7.11 4.50 26.42
C ALA C 162 6.13 4.33 25.26
N GLN C 163 6.07 3.13 24.70
CA GLN C 163 5.21 2.86 23.51
C GLN C 163 3.71 2.85 23.78
N GLN C 164 3.37 2.77 25.07
CA GLN C 164 1.97 2.79 25.52
C GLN C 164 1.48 4.21 25.81
N LEU C 165 2.39 5.16 25.69
CA LEU C 165 2.06 6.59 25.92
C LEU C 165 1.32 7.13 24.71
N GLY C 166 0.92 8.37 24.82
CA GLY C 166 0.34 9.10 23.70
C GLY C 166 1.28 9.24 22.50
N THR C 167 0.70 9.77 21.45
CA THR C 167 1.34 9.82 20.12
C THR C 167 2.61 10.65 20.08
N GLU C 168 2.44 11.88 20.54
CA GLU C 168 3.51 12.88 20.61
C GLU C 168 4.34 12.70 21.86
N GLU C 169 4.11 11.61 22.57
CA GLU C 169 4.80 11.37 23.85
C GLU C 169 5.74 10.15 23.84
N LYS C 170 5.31 9.09 23.17
CA LYS C 170 6.10 7.84 23.13
C LYS C 170 7.47 8.02 22.46
N ASN C 171 7.48 8.87 21.45
CA ASN C 171 8.69 9.18 20.67
C ASN C 171 9.71 10.01 21.42
N LYS C 172 9.24 10.98 22.16
CA LYS C 172 10.09 11.79 23.06
C LYS C 172 10.64 10.94 24.19
N ALA C 173 9.74 10.25 24.87
CA ALA C 173 10.12 9.36 26.00
C ALA C 173 11.15 8.30 25.54
N THR C 174 10.86 7.68 24.41
CA THR C 174 11.79 6.72 23.78
C THR C 174 13.17 7.32 23.53
N LEU C 175 13.19 8.54 23.01
CA LEU C 175 14.45 9.22 22.69
C LEU C 175 15.25 9.57 23.93
N LEU C 176 14.54 10.01 24.96
CA LEU C 176 15.16 10.26 26.26
C LEU C 176 15.77 8.97 26.86
N LEU C 177 15.07 7.86 26.74
CA LEU C 177 15.56 6.57 27.24
C LEU C 177 16.86 6.14 26.48
N SER C 178 16.95 6.51 25.21
CA SER C 178 18.15 6.28 24.38
C SER C 178 19.39 7.04 24.91
N CYS C 179 19.15 8.13 25.59
CA CYS C 179 20.25 8.95 26.14
C CYS C 179 20.82 8.33 27.38
N LEU C 180 20.20 7.27 27.85
CA LEU C 180 20.71 6.50 28.99
C LEU C 180 21.66 5.38 28.65
N LEU C 181 21.71 5.02 27.37
CA LEU C 181 22.63 3.96 26.90
C LEU C 181 24.05 4.49 26.97
N ALA C 182 24.97 3.56 27.06
CA ALA C 182 26.40 3.88 27.05
C ALA C 182 26.79 4.55 25.73
N ASP C 183 27.80 5.42 25.83
CA ASP C 183 28.24 6.27 24.70
C ASP C 183 28.57 5.47 23.44
N HIS C 184 29.21 4.33 23.65
CA HIS C 184 29.70 3.50 22.55
C HIS C 184 28.53 2.79 21.90
N THR C 185 27.58 2.42 22.74
CA THR C 185 26.32 1.86 22.27
C THR C 185 25.54 2.90 21.48
N VAL C 186 25.62 4.16 21.89
CA VAL C 186 24.90 5.27 21.19
C VAL C 186 25.50 5.45 19.81
N HIS C 187 26.83 5.45 19.77
CA HIS C 187 27.58 5.58 18.52
C HIS C 187 27.22 4.45 17.55
N VAL C 188 27.31 3.24 18.07
CA VAL C 188 26.98 2.05 17.28
C VAL C 188 25.51 2.07 16.80
N LEU C 189 24.61 2.39 17.70
CA LEU C 189 23.16 2.39 17.34
C LEU C 189 22.79 3.58 16.43
N ARG C 190 23.47 4.71 16.62
CA ARG C 190 23.32 5.85 15.68
C ARG C 190 23.74 5.45 14.25
N TYR C 191 24.83 4.72 14.15
CA TYR C 191 25.30 4.27 12.83
C TYR C 191 24.32 3.30 12.17
N PHE C 192 23.98 2.30 12.92
CA PHE C 192 23.13 1.25 12.39
C PHE C 192 21.70 1.70 12.07
N PHE C 193 21.15 2.49 12.96
CA PHE C 193 19.77 2.95 12.76
C PHE C 193 19.69 3.97 11.67
N ASN C 194 20.80 4.64 11.42
CA ASN C 194 20.91 5.52 10.22
C ASN C 194 20.74 4.73 8.95
N PHE C 195 21.41 3.59 8.94
CA PHE C 195 21.33 2.69 7.81
C PHE C 195 19.91 2.14 7.60
N LEU C 196 19.31 1.70 8.69
CA LEU C 196 17.91 1.21 8.65
C LEU C 196 16.93 2.28 8.22
N ARG C 197 17.17 3.47 8.74
CA ARG C 197 16.42 4.69 8.35
C ARG C 197 16.47 4.95 6.85
N ASN C 198 17.66 4.85 6.29
CA ASN C 198 17.88 5.06 4.83
C ASN C 198 17.09 4.05 3.99
N VAL C 199 16.98 2.86 4.55
CA VAL C 199 16.17 1.77 3.92
C VAL C 199 14.69 2.15 3.95
N SER C 200 14.25 2.63 5.11
CA SER C 200 12.83 2.93 5.34
C SER C 200 12.36 4.01 4.41
N LEU C 201 13.21 5.01 4.22
CA LEU C 201 12.88 6.18 3.36
C LEU C 201 12.80 5.85 1.88
N ARG C 202 13.23 4.64 1.51
CA ARG C 202 13.09 4.14 0.13
C ARG C 202 12.04 3.00 -0.01
N SER C 203 11.09 2.97 0.91
CA SER C 203 10.09 1.88 0.93
C SER C 203 9.18 1.85 -0.30
N SER C 204 9.04 3.00 -0.96
CA SER C 204 8.31 3.09 -2.24
C SER C 204 8.93 2.19 -3.31
N GLU C 205 10.24 2.00 -3.17
CA GLU C 205 11.02 1.12 -4.04
C GLU C 205 11.13 -0.25 -3.43
N ASN C 206 11.72 -0.33 -2.25
CA ASN C 206 12.08 -1.64 -1.64
C ASN C 206 10.98 -2.34 -0.89
N LYS C 207 9.84 -1.70 -0.79
CA LYS C 207 8.68 -2.21 -0.02
C LYS C 207 9.01 -2.54 1.43
N MET C 208 10.00 -1.84 1.97
CA MET C 208 10.42 -2.04 3.35
C MET C 208 10.38 -0.77 4.22
N ASP C 209 9.21 -0.50 4.78
CA ASP C 209 9.07 0.62 5.69
C ASP C 209 9.45 0.21 7.10
N SER C 210 9.50 1.19 7.98
CA SER C 210 10.12 1.08 9.29
C SER C 210 9.48 0.08 10.22
N SER C 211 8.19 -0.15 10.04
CA SER C 211 7.47 -1.11 10.88
C SER C 211 7.84 -2.53 10.47
N ASN C 212 7.91 -2.73 9.16
CA ASN C 212 8.31 -4.04 8.59
C ASN C 212 9.73 -4.39 9.07
N LEU C 213 10.65 -3.48 8.77
CA LEU C 213 12.03 -3.55 9.27
C LEU C 213 12.11 -3.83 10.76
N ALA C 214 11.35 -3.06 11.51
CA ALA C 214 11.31 -3.19 12.99
C ALA C 214 10.90 -4.58 13.47
N VAL C 215 9.90 -5.17 12.82
CA VAL C 215 9.42 -6.52 13.13
C VAL C 215 10.52 -7.56 12.89
N ILE C 216 11.26 -7.33 11.82
CA ILE C 216 12.39 -8.18 11.45
C ILE C 216 13.54 -8.04 12.43
N PHE C 217 13.79 -6.80 12.88
CA PHE C 217 14.99 -6.54 13.67
C PHE C 217 14.78 -6.56 15.16
N ALA C 218 13.63 -6.19 15.61
CA ALA C 218 13.38 -6.13 17.08
C ALA C 218 13.83 -7.43 17.85
N PRO C 219 13.45 -8.61 17.33
CA PRO C 219 13.78 -9.83 18.07
C PRO C 219 15.29 -10.04 18.20
N ASN C 220 16.00 -9.62 17.15
CA ASN C 220 17.44 -9.78 17.10
C ASN C 220 18.13 -8.77 17.99
N LEU C 221 17.60 -7.56 17.99
CA LEU C 221 18.13 -6.42 18.81
C LEU C 221 17.86 -6.52 20.32
N LEU C 222 16.70 -7.04 20.65
CA LEU C 222 16.27 -7.22 22.05
C LEU C 222 16.65 -8.58 22.58
N GLN C 223 16.90 -9.50 21.67
CA GLN C 223 17.35 -10.87 21.97
C GLN C 223 16.26 -11.66 22.72
N THR C 224 15.07 -11.56 22.15
CA THR C 224 13.86 -12.18 22.67
C THR C 224 13.37 -13.24 21.69
N MET C 231 1.64 -18.98 22.61
CA MET C 231 1.99 -17.62 22.96
C MET C 231 0.85 -16.99 23.75
N SER C 232 1.20 -16.53 24.95
CA SER C 232 0.23 -15.86 25.84
C SER C 232 -0.04 -14.48 25.31
N SER C 233 -1.25 -14.02 25.56
CA SER C 233 -1.65 -12.65 25.20
C SER C 233 -0.62 -11.62 25.69
N ASN C 234 -0.03 -11.92 26.83
CA ASN C 234 0.97 -11.04 27.48
C ASN C 234 2.26 -10.90 26.68
N THR C 235 2.71 -12.00 26.09
CA THR C 235 3.94 -11.97 25.26
C THR C 235 3.63 -11.50 23.84
N GLU C 236 2.37 -11.62 23.46
CA GLU C 236 1.92 -11.22 22.11
C GLU C 236 1.92 -9.71 21.97
N LYS C 237 1.33 -9.07 22.96
CA LYS C 237 1.38 -7.59 23.08
C LYS C 237 2.82 -7.08 23.29
N LYS C 238 3.58 -7.85 24.05
CA LYS C 238 4.99 -7.54 24.32
C LYS C 238 5.76 -7.39 23.01
N LEU C 239 5.50 -8.36 22.13
CA LEU C 239 6.18 -8.45 20.80
C LEU C 239 5.91 -7.21 19.95
N ARG C 240 4.64 -6.81 19.94
CA ARG C 240 4.16 -5.64 19.17
C ARG C 240 4.74 -4.32 19.66
N LEU C 241 4.78 -4.18 20.98
CA LEU C 241 5.38 -2.97 21.62
C LEU C 241 6.89 -2.89 21.34
N GLN C 242 7.48 -4.06 21.17
CA GLN C 242 8.93 -4.22 20.99
C GLN C 242 9.35 -3.80 19.59
N ALA C 243 8.56 -4.21 18.61
CA ALA C 243 8.71 -3.71 17.24
C ALA C 243 8.49 -2.18 17.19
N ALA C 244 7.55 -1.72 18.01
CA ALA C 244 7.21 -0.28 18.07
C ALA C 244 8.41 0.53 18.49
N VAL C 245 9.03 0.10 19.58
CA VAL C 245 10.29 0.70 20.08
C VAL C 245 11.36 0.90 18.97
N VAL C 246 11.53 -0.14 18.17
CA VAL C 246 12.61 -0.18 17.16
C VAL C 246 12.17 0.67 16.00
N GLN C 247 10.90 0.59 15.67
CA GLN C 247 10.38 1.47 14.63
C GLN C 247 10.65 2.91 14.99
N THR C 248 10.41 3.26 16.25
CA THR C 248 10.65 4.65 16.68
C THR C 248 12.06 5.05 16.39
N LEU C 249 12.96 4.13 16.70
CA LEU C 249 14.41 4.40 16.66
C LEU C 249 14.86 4.48 15.21
N ILE C 250 14.19 3.73 14.36
CA ILE C 250 14.41 3.90 12.91
C ILE C 250 13.93 5.28 12.44
N ASP C 251 12.69 5.58 12.79
CA ASP C 251 12.05 6.84 12.35
C ASP C 251 12.82 8.06 12.81
N TYR C 252 13.34 7.98 14.03
CA TYR C 252 14.06 9.07 14.67
C TYR C 252 15.54 8.80 14.84
N ALA C 253 16.10 8.12 13.85
CA ALA C 253 17.51 7.69 13.93
C ALA C 253 18.49 8.86 14.25
N SER C 254 18.19 10.01 13.71
CA SER C 254 19.07 11.17 13.89
C SER C 254 19.18 11.69 15.32
N ASP C 255 18.18 11.36 16.16
CA ASP C 255 18.03 11.87 17.52
C ASP C 255 18.47 10.88 18.61
N ILE C 256 18.84 9.68 18.20
CA ILE C 256 19.28 8.67 19.20
C ILE C 256 20.43 9.21 19.98
N GLY C 257 20.28 9.17 21.28
CA GLY C 257 21.31 9.63 22.22
C GLY C 257 21.49 11.13 22.38
N ARG C 258 20.62 11.89 21.72
CA ARG C 258 20.69 13.39 21.81
C ARG C 258 19.94 13.84 22.98
N VAL C 259 20.67 14.40 23.92
CA VAL C 259 20.14 14.96 25.15
C VAL C 259 19.55 16.33 24.84
N PRO C 260 18.25 16.55 25.10
CA PRO C 260 17.72 17.92 24.95
C PRO C 260 18.36 18.96 25.89
N ASP C 261 18.50 20.16 25.36
CA ASP C 261 19.02 21.33 26.09
C ASP C 261 18.43 21.46 27.47
N PHE C 262 17.12 21.26 27.55
CA PHE C 262 16.40 21.48 28.81
C PHE C 262 16.71 20.43 29.87
N ILE C 263 17.27 19.31 29.44
CA ILE C 263 17.79 18.33 30.40
C ILE C 263 19.09 18.89 30.96
N LEU C 264 19.97 19.26 30.05
CA LEU C 264 21.31 19.78 30.40
C LEU C 264 21.18 20.92 31.37
N GLU C 265 20.13 21.71 31.18
CA GLU C 265 19.88 22.91 32.00
C GLU C 265 19.76 22.67 33.52
N LYS C 266 19.82 21.41 33.94
CA LYS C 266 19.93 21.08 35.37
C LYS C 266 21.26 20.35 35.61
N LEU D 14 -20.85 -22.94 -16.86
CA LEU D 14 -20.09 -23.91 -17.72
C LEU D 14 -20.99 -24.90 -18.50
N TYR D 15 -22.18 -25.10 -17.98
CA TYR D 15 -23.18 -25.99 -18.60
C TYR D 15 -23.38 -25.71 -20.07
N PHE D 16 -23.43 -24.44 -20.41
CA PHE D 16 -23.76 -24.07 -21.76
C PHE D 16 -22.86 -24.81 -22.72
N GLN D 17 -21.55 -24.59 -22.53
CA GLN D 17 -20.49 -25.12 -23.45
C GLN D 17 -20.51 -26.67 -23.56
N GLY D 18 -21.32 -27.28 -22.71
CA GLY D 18 -21.51 -28.72 -22.67
C GLY D 18 -22.72 -29.17 -23.45
N MET D 19 -23.36 -28.21 -24.11
CA MET D 19 -24.42 -28.48 -25.07
C MET D 19 -23.80 -28.44 -26.46
N TRP D 20 -22.56 -28.90 -26.48
CA TRP D 20 -21.69 -28.77 -27.64
C TRP D 20 -20.69 -29.90 -27.68
N ASP D 21 -20.33 -30.30 -28.88
CA ASP D 21 -19.31 -31.32 -29.07
C ASP D 21 -18.02 -30.76 -28.49
N GLN D 22 -17.61 -31.35 -27.38
CA GLN D 22 -16.39 -30.91 -26.66
C GLN D 22 -15.16 -30.87 -27.57
N ARG D 23 -15.12 -31.78 -28.54
CA ARG D 23 -14.05 -31.83 -29.53
C ARG D 23 -13.92 -30.49 -30.23
N LEU D 24 -15.01 -30.07 -30.85
CA LEU D 24 -15.04 -28.87 -31.71
C LEU D 24 -14.90 -27.57 -30.92
N VAL D 25 -15.22 -27.65 -29.63
CA VAL D 25 -15.02 -26.52 -28.73
C VAL D 25 -13.53 -26.30 -28.59
N ARG D 26 -12.81 -27.38 -28.35
CA ARG D 26 -11.34 -27.31 -28.16
C ARG D 26 -10.65 -26.76 -29.39
N LEU D 27 -11.16 -27.15 -30.55
CA LEU D 27 -10.56 -26.79 -31.83
C LEU D 27 -10.71 -25.28 -32.10
N ALA D 28 -11.88 -24.77 -31.77
CA ALA D 28 -12.18 -23.34 -31.88
C ALA D 28 -11.34 -22.52 -30.90
N LEU D 29 -11.20 -23.03 -29.69
CA LEU D 29 -10.38 -22.35 -28.66
C LEU D 29 -8.96 -22.27 -29.17
N LEU D 30 -8.45 -23.46 -29.48
CA LEU D 30 -7.11 -23.59 -30.09
C LEU D 30 -6.91 -22.65 -31.26
N GLN D 31 -7.86 -22.68 -32.18
CA GLN D 31 -7.84 -21.79 -33.36
C GLN D 31 -7.76 -20.31 -32.97
N HIS D 32 -8.60 -19.91 -32.03
CA HIS D 32 -8.68 -18.46 -31.64
C HIS D 32 -7.40 -17.99 -30.94
N LEU D 33 -6.87 -18.86 -30.10
CA LEU D 33 -5.56 -18.64 -29.43
C LEU D 33 -4.38 -18.44 -30.40
N ARG D 34 -4.34 -19.25 -31.44
CA ARG D 34 -3.28 -19.14 -32.46
C ARG D 34 -3.45 -17.86 -33.25
N ALA D 35 -4.69 -17.60 -33.68
CA ALA D 35 -4.97 -16.50 -34.64
C ALA D 35 -4.83 -15.11 -34.02
N PHE D 36 -5.38 -14.98 -32.83
CA PHE D 36 -5.48 -13.65 -32.16
C PHE D 36 -4.30 -13.31 -31.30
N TYR D 37 -3.68 -14.36 -30.77
CA TYR D 37 -2.67 -14.19 -29.72
C TYR D 37 -1.34 -14.88 -30.02
N GLY D 38 -1.22 -15.44 -31.21
CA GLY D 38 -0.03 -16.18 -31.61
C GLY D 38 0.43 -17.26 -30.63
N ILE D 39 -0.54 -17.91 -29.99
CA ILE D 39 -0.30 -19.01 -29.04
C ILE D 39 -0.68 -20.39 -29.61
N LYS D 40 0.36 -21.19 -29.85
CA LYS D 40 0.19 -22.59 -30.29
C LYS D 40 0.34 -23.54 -29.10
N VAL D 41 -0.33 -24.68 -29.20
CA VAL D 41 -0.23 -25.76 -28.19
C VAL D 41 -0.26 -27.15 -28.83
N GLY D 62 0.37 -43.37 1.99
CA GLY D 62 -0.73 -42.58 2.55
C GLY D 62 -1.93 -42.46 1.62
N LYS D 63 -2.97 -41.81 2.16
CA LYS D 63 -4.29 -41.74 1.53
C LYS D 63 -4.64 -40.41 0.85
N ILE D 64 -3.93 -39.35 1.23
CA ILE D 64 -4.24 -38.00 0.71
C ILE D 64 -3.16 -37.43 -0.21
N PHE D 65 -1.93 -37.48 0.29
CA PHE D 65 -0.81 -36.82 -0.37
C PHE D 65 -0.14 -37.78 -1.35
N GLY D 66 0.24 -37.23 -2.50
CA GLY D 66 0.86 -38.00 -3.58
C GLY D 66 -0.09 -38.86 -4.38
N VAL D 67 -1.35 -38.81 -3.99
CA VAL D 67 -2.45 -39.59 -4.57
C VAL D 67 -3.18 -38.75 -5.60
N PRO D 68 -3.63 -39.37 -6.72
CA PRO D 68 -4.45 -38.62 -7.68
C PRO D 68 -5.94 -38.51 -7.28
N PHE D 69 -6.69 -37.65 -7.99
CA PHE D 69 -8.12 -37.36 -7.63
C PHE D 69 -9.06 -38.57 -7.81
N ASN D 70 -8.73 -39.47 -8.72
CA ASN D 70 -9.61 -40.65 -8.99
C ASN D 70 -9.59 -41.62 -7.82
N ALA D 71 -8.66 -41.36 -6.92
CA ALA D 71 -8.51 -42.12 -5.69
C ALA D 71 -9.02 -41.38 -4.49
N LEU D 72 -9.09 -40.04 -4.58
CA LEU D 72 -9.48 -39.20 -3.43
C LEU D 72 -11.01 -39.17 -3.18
N PRO D 73 -11.40 -39.11 -1.89
CA PRO D 73 -12.79 -38.88 -1.57
C PRO D 73 -13.20 -37.48 -1.90
N HIS D 74 -14.43 -37.35 -2.38
CA HIS D 74 -14.97 -36.08 -2.79
C HIS D 74 -16.17 -35.76 -1.96
N SER D 75 -16.51 -34.49 -1.96
CA SER D 75 -17.77 -34.03 -1.38
C SER D 75 -18.42 -33.10 -2.38
N ALA D 76 -19.73 -33.12 -2.34
CA ALA D 76 -20.54 -32.23 -3.15
C ALA D 76 -20.38 -30.84 -2.59
N VAL D 77 -20.13 -29.90 -3.48
CA VAL D 77 -20.09 -28.49 -3.17
C VAL D 77 -21.04 -27.74 -4.13
N PRO D 78 -22.04 -27.05 -3.60
CA PRO D 78 -22.95 -26.27 -4.47
C PRO D 78 -22.19 -25.29 -5.33
N GLU D 79 -22.52 -25.35 -6.62
CA GLU D 79 -21.88 -24.52 -7.65
C GLU D 79 -20.51 -24.99 -8.05
N TYR D 80 -19.96 -25.98 -7.38
CA TYR D 80 -18.60 -26.34 -7.75
C TYR D 80 -18.42 -27.81 -8.06
N GLY D 81 -19.51 -28.51 -8.14
CA GLY D 81 -19.45 -29.96 -8.38
C GLY D 81 -18.94 -30.73 -7.17
N HIS D 82 -18.21 -31.78 -7.48
CA HIS D 82 -17.57 -32.66 -6.50
C HIS D 82 -16.12 -32.33 -6.43
N ILE D 83 -15.68 -32.07 -5.22
CA ILE D 83 -14.35 -31.55 -4.94
C ILE D 83 -13.66 -32.41 -3.87
N PRO D 84 -12.37 -32.71 -4.04
CA PRO D 84 -11.65 -33.49 -3.04
C PRO D 84 -11.91 -32.98 -1.64
N SER D 85 -12.42 -33.90 -0.83
CA SER D 85 -12.93 -33.60 0.51
C SER D 85 -11.92 -32.89 1.36
N PHE D 86 -10.68 -33.32 1.24
CA PHE D 86 -9.55 -32.68 1.91
C PHE D 86 -9.43 -31.19 1.56
N LEU D 87 -9.58 -30.90 0.29
CA LEU D 87 -9.57 -29.49 -0.16
C LEU D 87 -10.76 -28.76 0.46
N VAL D 88 -11.91 -29.40 0.49
CA VAL D 88 -13.08 -28.78 1.12
C VAL D 88 -12.83 -28.51 2.63
N ASP D 89 -12.36 -29.52 3.32
CA ASP D 89 -12.04 -29.40 4.78
C ASP D 89 -11.03 -28.30 5.08
N ALA D 90 -9.94 -28.36 4.36
CA ALA D 90 -8.87 -27.37 4.50
C ALA D 90 -9.35 -25.94 4.23
N CYS D 91 -10.03 -25.72 3.12
CA CYS D 91 -10.43 -24.33 2.78
C CYS D 91 -11.52 -23.84 3.74
N THR D 92 -12.38 -24.77 4.13
CA THR D 92 -13.50 -24.48 5.04
C THR D 92 -12.95 -24.11 6.38
N SER D 93 -12.02 -24.92 6.85
CA SER D 93 -11.36 -24.64 8.12
C SER D 93 -10.66 -23.25 8.14
N LEU D 94 -10.26 -22.77 6.99
CA LEU D 94 -9.51 -21.51 6.89
C LEU D 94 -10.36 -20.27 6.65
N GLU D 95 -11.65 -20.47 6.40
CA GLU D 95 -12.57 -19.36 6.12
C GLU D 95 -12.54 -18.36 7.25
N ASP D 96 -12.66 -18.87 8.46
CA ASP D 96 -12.75 -18.00 9.66
C ASP D 96 -11.39 -17.47 10.12
N HIS D 97 -10.41 -17.51 9.23
CA HIS D 97 -9.05 -16.96 9.52
C HIS D 97 -8.47 -16.14 8.38
N ILE D 98 -9.30 -15.84 7.40
CA ILE D 98 -8.88 -15.20 6.13
C ILE D 98 -8.34 -13.81 6.35
N HIS D 99 -8.75 -13.23 7.47
CA HIS D 99 -8.25 -11.90 7.93
C HIS D 99 -6.81 -11.92 8.48
N THR D 100 -6.19 -13.10 8.52
CA THR D 100 -4.77 -13.28 8.90
C THR D 100 -4.08 -12.01 9.36
N SER D 109 7.92 -24.62 12.32
CA SER D 109 7.32 -25.85 12.80
C SER D 109 7.07 -26.81 11.63
N VAL D 110 8.16 -27.39 11.16
CA VAL D 110 8.12 -28.39 10.09
C VAL D 110 7.92 -29.76 10.70
N ILE D 111 8.41 -29.90 11.90
CA ILE D 111 8.12 -31.07 12.73
C ILE D 111 6.60 -31.21 12.87
N ARG D 112 6.01 -30.13 13.34
CA ARG D 112 4.57 -30.07 13.65
C ARG D 112 3.71 -30.36 12.42
N LEU D 113 4.18 -29.87 11.29
CA LEU D 113 3.42 -29.96 10.03
C LEU D 113 3.41 -31.37 9.48
N LYS D 114 4.52 -32.08 9.67
CA LYS D 114 4.62 -33.49 9.24
C LYS D 114 3.76 -34.38 10.11
N ALA D 115 3.72 -34.04 11.40
CA ALA D 115 2.78 -34.69 12.33
C ALA D 115 1.32 -34.51 11.88
N LEU D 116 0.96 -33.32 11.41
CA LEU D 116 -0.40 -33.08 10.88
C LEU D 116 -0.61 -33.85 9.60
N LYS D 117 0.34 -33.70 8.68
CA LYS D 117 0.31 -34.39 7.38
C LYS D 117 0.10 -35.91 7.53
N ASN D 118 0.90 -36.49 8.42
CA ASN D 118 0.81 -37.92 8.74
C ASN D 118 -0.53 -38.31 9.35
N LYS D 119 -1.08 -37.39 10.13
CA LYS D 119 -2.42 -37.58 10.69
C LYS D 119 -3.45 -37.68 9.56
N VAL D 120 -3.49 -36.64 8.76
CA VAL D 120 -4.40 -36.56 7.60
C VAL D 120 -4.30 -37.78 6.66
N ASP D 121 -3.07 -38.26 6.45
CA ASP D 121 -2.81 -39.40 5.54
C ASP D 121 -3.32 -40.73 6.07
N HIS D 122 -2.97 -41.00 7.31
CA HIS D 122 -3.32 -42.28 7.97
C HIS D 122 -4.72 -42.22 8.54
N GLY D 123 -5.18 -40.99 8.73
CA GLY D 123 -6.55 -40.71 9.11
C GLY D 123 -7.26 -40.16 7.89
N PRO D 131 -4.76 -24.99 13.46
CA PRO D 131 -3.80 -23.89 13.34
C PRO D 131 -3.64 -23.49 11.89
N PRO D 132 -4.15 -22.30 11.52
CA PRO D 132 -4.19 -21.85 10.13
C PRO D 132 -2.90 -22.02 9.33
N CYS D 133 -1.76 -21.81 9.97
CA CYS D 133 -0.47 -21.93 9.28
C CYS D 133 -0.22 -23.36 8.80
N ASP D 134 -0.57 -24.32 9.64
CA ASP D 134 -0.39 -25.74 9.29
C ASP D 134 -1.32 -26.13 8.11
N ILE D 135 -2.54 -25.58 8.13
CA ILE D 135 -3.53 -25.91 7.12
C ILE D 135 -3.07 -25.34 5.78
N ALA D 136 -2.59 -24.10 5.82
CA ALA D 136 -2.07 -23.42 4.64
C ALA D 136 -0.93 -24.23 4.04
N GLY D 137 -0.09 -24.71 4.94
CA GLY D 137 1.06 -25.51 4.56
C GLY D 137 0.67 -26.83 3.93
N LEU D 138 -0.39 -27.44 4.45
CA LEU D 138 -0.89 -28.71 3.87
C LEU D 138 -1.53 -28.46 2.50
N LEU D 139 -2.17 -27.31 2.36
CA LEU D 139 -2.72 -26.93 1.07
C LEU D 139 -1.62 -26.83 0.04
N LYS D 140 -0.56 -26.11 0.42
CA LYS D 140 0.63 -25.95 -0.45
C LYS D 140 1.21 -27.30 -0.83
N GLN D 141 1.50 -28.07 0.20
CA GLN D 141 2.06 -29.42 0.05
C GLN D 141 1.15 -30.36 -0.71
N PHE D 142 -0.15 -30.14 -0.57
CA PHE D 142 -1.12 -30.94 -1.33
C PHE D 142 -0.89 -30.83 -2.85
N PHE D 143 -0.78 -29.62 -3.35
CA PHE D 143 -0.64 -29.45 -4.82
C PHE D 143 0.75 -29.83 -5.30
N ARG D 144 1.74 -29.53 -4.49
CA ARG D 144 3.13 -29.83 -4.85
C ARG D 144 3.37 -31.32 -4.95
N GLU D 145 2.55 -32.10 -4.29
CA GLU D 145 2.81 -33.56 -4.22
C GLU D 145 1.97 -34.37 -5.15
N LEU D 146 1.14 -33.68 -5.90
CA LEU D 146 0.28 -34.36 -6.85
C LEU D 146 1.17 -35.06 -7.87
N PRO D 147 0.79 -36.29 -8.28
CA PRO D 147 1.61 -37.05 -9.22
C PRO D 147 1.96 -36.24 -10.46
N GLU D 148 0.96 -35.61 -11.04
CA GLU D 148 1.15 -34.62 -12.10
C GLU D 148 0.63 -33.23 -11.65
N PRO D 149 1.21 -32.15 -12.18
CA PRO D 149 0.77 -30.81 -11.82
C PRO D 149 -0.68 -30.52 -12.23
N ILE D 150 -1.37 -29.81 -11.36
CA ILE D 150 -2.81 -29.50 -11.54
C ILE D 150 -3.01 -28.61 -12.76
N LEU D 151 -2.03 -27.75 -12.96
CA LEU D 151 -1.87 -27.03 -14.20
C LEU D 151 -0.89 -27.85 -15.06
N PRO D 152 -1.42 -28.61 -16.03
CA PRO D 152 -0.63 -29.63 -16.72
C PRO D 152 0.51 -29.03 -17.52
N ALA D 153 1.59 -29.80 -17.61
CA ALA D 153 2.85 -29.32 -18.17
C ALA D 153 2.65 -28.82 -19.57
N ASP D 154 1.88 -29.59 -20.32
CA ASP D 154 1.66 -29.33 -21.79
C ASP D 154 0.99 -28.00 -22.10
N LEU D 155 0.55 -27.30 -21.05
CA LEU D 155 -0.04 -25.97 -21.23
C LEU D 155 0.81 -24.84 -20.67
N HIS D 156 1.93 -25.18 -20.07
CA HIS D 156 2.75 -24.18 -19.33
C HIS D 156 3.36 -23.11 -20.21
N GLU D 157 3.92 -23.52 -21.33
CA GLU D 157 4.49 -22.59 -22.32
C GLU D 157 3.42 -21.62 -22.79
N ALA D 158 2.27 -22.21 -23.11
CA ALA D 158 1.11 -21.44 -23.59
C ALA D 158 0.71 -20.38 -22.58
N LEU D 159 0.68 -20.76 -21.33
CA LEU D 159 0.30 -19.83 -20.25
C LEU D 159 1.34 -18.74 -20.05
N LEU D 160 2.60 -19.14 -20.16
CA LEU D 160 3.74 -18.19 -20.16
C LEU D 160 3.61 -17.16 -21.27
N LYS D 161 3.38 -17.65 -22.49
CA LYS D 161 3.29 -16.73 -23.65
C LYS D 161 2.17 -15.72 -23.45
N ALA D 162 1.06 -16.18 -22.89
CA ALA D 162 -0.11 -15.28 -22.68
C ALA D 162 0.25 -14.13 -21.76
N GLN D 163 1.14 -14.43 -20.83
CA GLN D 163 1.50 -13.48 -19.77
C GLN D 163 2.41 -12.33 -20.28
N GLN D 164 2.92 -12.49 -21.51
CA GLN D 164 3.77 -11.45 -22.15
C GLN D 164 3.02 -10.61 -23.16
N LEU D 165 1.71 -10.77 -23.21
CA LEU D 165 0.84 -9.99 -24.10
C LEU D 165 0.50 -8.68 -23.42
N GLY D 166 -0.22 -7.84 -24.17
CA GLY D 166 -0.79 -6.60 -23.65
C GLY D 166 -1.66 -6.83 -22.42
N THR D 167 -1.79 -5.75 -21.66
CA THR D 167 -2.45 -5.75 -20.32
C THR D 167 -3.81 -6.45 -20.26
N GLU D 168 -4.64 -6.15 -21.26
CA GLU D 168 -6.02 -6.66 -21.35
C GLU D 168 -6.12 -7.96 -22.15
N GLU D 169 -5.15 -8.20 -23.01
CA GLU D 169 -5.12 -9.44 -23.83
C GLU D 169 -4.57 -10.65 -23.03
N LYS D 170 -3.68 -10.34 -22.07
CA LYS D 170 -3.19 -11.31 -21.07
C LYS D 170 -4.31 -12.20 -20.57
N ASN D 171 -5.28 -11.53 -20.00
CA ASN D 171 -6.34 -12.17 -19.20
C ASN D 171 -7.21 -13.03 -20.06
N LYS D 172 -7.54 -12.48 -21.21
CA LYS D 172 -8.40 -13.14 -22.17
C LYS D 172 -7.79 -14.47 -22.64
N ALA D 173 -6.49 -14.43 -22.92
CA ALA D 173 -5.75 -15.61 -23.43
C ALA D 173 -5.53 -16.66 -22.35
N THR D 174 -5.16 -16.22 -21.17
CA THR D 174 -5.06 -17.13 -19.99
C THR D 174 -6.38 -17.88 -19.70
N LEU D 175 -7.47 -17.14 -19.74
CA LEU D 175 -8.80 -17.71 -19.47
C LEU D 175 -9.21 -18.71 -20.57
N LEU D 176 -8.89 -18.35 -21.79
CA LEU D 176 -9.08 -19.26 -22.93
C LEU D 176 -8.34 -20.56 -22.76
N LEU D 177 -7.08 -20.42 -22.39
CA LEU D 177 -6.24 -21.57 -22.10
C LEU D 177 -6.80 -22.44 -20.95
N SER D 178 -7.36 -21.78 -19.94
CA SER D 178 -8.01 -22.48 -18.80
C SER D 178 -9.17 -23.36 -19.27
N CYS D 179 -9.75 -23.00 -20.42
CA CYS D 179 -10.86 -23.77 -21.00
C CYS D 179 -10.43 -25.04 -21.68
N LEU D 180 -9.12 -25.24 -21.75
CA LEU D 180 -8.54 -26.47 -22.29
C LEU D 180 -8.23 -27.51 -21.20
N LEU D 181 -8.48 -27.16 -19.94
CA LEU D 181 -8.26 -28.09 -18.83
C LEU D 181 -9.38 -29.10 -18.84
N ALA D 182 -9.07 -30.28 -18.32
CA ALA D 182 -10.09 -31.34 -18.18
C ALA D 182 -11.20 -30.88 -17.26
N ASP D 183 -12.39 -31.35 -17.52
CA ASP D 183 -13.60 -30.93 -16.78
C ASP D 183 -13.46 -31.00 -15.28
N HIS D 184 -12.91 -32.10 -14.81
CA HIS D 184 -12.73 -32.28 -13.39
C HIS D 184 -11.68 -31.33 -12.85
N THR D 185 -10.61 -31.14 -13.63
CA THR D 185 -9.58 -30.16 -13.23
C THR D 185 -10.16 -28.74 -13.14
N VAL D 186 -10.99 -28.37 -14.10
CA VAL D 186 -11.60 -27.02 -14.14
C VAL D 186 -12.38 -26.74 -12.87
N HIS D 187 -13.11 -27.76 -12.45
CA HIS D 187 -13.95 -27.64 -11.26
C HIS D 187 -13.20 -27.57 -9.96
N VAL D 188 -12.16 -28.35 -9.86
CA VAL D 188 -11.29 -28.26 -8.69
C VAL D 188 -10.59 -26.91 -8.66
N LEU D 189 -10.11 -26.47 -9.83
CA LEU D 189 -9.44 -25.17 -9.93
C LEU D 189 -10.41 -24.00 -9.71
N ARG D 190 -11.62 -24.13 -10.21
CA ARG D 190 -12.68 -23.12 -9.92
C ARG D 190 -12.89 -22.92 -8.40
N TYR D 191 -12.97 -24.03 -7.72
CA TYR D 191 -13.14 -24.04 -6.28
C TYR D 191 -11.97 -23.40 -5.49
N PHE D 192 -10.75 -23.84 -5.78
CA PHE D 192 -9.57 -23.36 -5.03
C PHE D 192 -9.26 -21.87 -5.29
N PHE D 193 -9.38 -21.48 -6.55
CA PHE D 193 -9.14 -20.08 -6.96
C PHE D 193 -10.24 -19.15 -6.45
N ASN D 194 -11.44 -19.71 -6.21
CA ASN D 194 -12.50 -18.94 -5.54
C ASN D 194 -12.08 -18.57 -4.11
N PHE D 195 -11.62 -19.58 -3.43
CA PHE D 195 -11.02 -19.42 -2.12
C PHE D 195 -9.86 -18.39 -2.12
N LEU D 196 -8.93 -18.56 -3.05
CA LEU D 196 -7.77 -17.68 -3.09
C LEU D 196 -8.18 -16.26 -3.39
N ARG D 197 -9.14 -16.15 -4.29
CA ARG D 197 -9.75 -14.85 -4.61
C ARG D 197 -10.38 -14.23 -3.36
N ASN D 198 -11.05 -15.07 -2.61
CA ASN D 198 -11.64 -14.62 -1.33
C ASN D 198 -10.61 -14.04 -0.39
N VAL D 199 -9.44 -14.68 -0.36
CA VAL D 199 -8.33 -14.17 0.51
C VAL D 199 -7.81 -12.86 -0.03
N SER D 200 -7.62 -12.82 -1.35
CA SER D 200 -7.13 -11.61 -2.04
C SER D 200 -8.02 -10.39 -1.86
N LEU D 201 -9.34 -10.56 -1.94
CA LEU D 201 -10.26 -9.39 -1.89
C LEU D 201 -10.28 -8.75 -0.52
N ARG D 202 -9.85 -9.52 0.47
CA ARG D 202 -9.69 -9.03 1.84
C ARG D 202 -8.25 -8.71 2.20
N SER D 203 -7.44 -8.38 1.20
CA SER D 203 -6.00 -8.14 1.40
C SER D 203 -5.68 -6.91 2.27
N SER D 204 -6.70 -6.10 2.56
CA SER D 204 -6.58 -5.00 3.54
C SER D 204 -6.20 -5.50 4.91
N GLU D 205 -6.78 -6.63 5.27
CA GLU D 205 -6.64 -7.20 6.60
C GLU D 205 -5.46 -8.15 6.66
N ASN D 206 -5.39 -9.02 5.67
CA ASN D 206 -4.40 -10.11 5.67
C ASN D 206 -3.09 -9.76 4.98
N LYS D 207 -3.15 -8.70 4.17
CA LYS D 207 -1.96 -8.21 3.48
C LYS D 207 -1.43 -9.21 2.48
N MET D 208 -2.32 -10.05 2.01
CA MET D 208 -2.05 -10.99 0.93
C MET D 208 -2.95 -10.67 -0.24
N ASP D 209 -2.54 -9.68 -1.01
CA ASP D 209 -3.13 -9.45 -2.33
C ASP D 209 -2.76 -10.63 -3.21
N SER D 210 -3.29 -10.60 -4.42
CA SER D 210 -3.24 -11.76 -5.34
C SER D 210 -1.86 -12.01 -5.94
N SER D 211 -1.08 -10.95 -6.12
CA SER D 211 0.35 -11.10 -6.51
C SER D 211 1.07 -11.91 -5.45
N ASN D 212 0.86 -11.53 -4.19
CA ASN D 212 1.46 -12.21 -3.03
C ASN D 212 1.12 -13.69 -2.99
N LEU D 213 -0.18 -13.96 -3.09
CA LEU D 213 -0.67 -15.37 -3.09
C LEU D 213 -0.11 -16.14 -4.28
N ALA D 214 -0.04 -15.47 -5.40
CA ALA D 214 0.44 -16.08 -6.65
C ALA D 214 1.88 -16.56 -6.52
N VAL D 215 2.75 -15.70 -6.01
CA VAL D 215 4.19 -16.02 -5.97
C VAL D 215 4.46 -17.16 -5.00
N ILE D 216 3.60 -17.23 -4.00
CA ILE D 216 3.62 -18.32 -3.02
C ILE D 216 3.07 -19.60 -3.63
N PHE D 217 1.90 -19.52 -4.23
CA PHE D 217 1.23 -20.75 -4.70
C PHE D 217 1.73 -21.23 -6.06
N ALA D 218 2.27 -20.33 -6.86
CA ALA D 218 2.73 -20.72 -8.21
C ALA D 218 3.62 -21.97 -8.24
N PRO D 219 4.74 -21.98 -7.49
CA PRO D 219 5.60 -23.18 -7.64
C PRO D 219 4.94 -24.51 -7.24
N ASN D 220 3.90 -24.44 -6.43
CA ASN D 220 3.14 -25.62 -6.02
C ASN D 220 2.10 -26.08 -7.01
N LEU D 221 1.54 -25.10 -7.71
CA LEU D 221 0.49 -25.37 -8.69
C LEU D 221 1.11 -25.92 -9.98
N LEU D 222 2.28 -25.36 -10.30
CA LEU D 222 2.96 -25.68 -11.56
C LEU D 222 3.96 -26.77 -11.35
N GLN D 223 4.28 -27.02 -10.09
CA GLN D 223 5.32 -28.00 -9.68
C GLN D 223 6.69 -27.65 -10.26
N THR D 224 6.96 -26.35 -10.20
CA THR D 224 8.26 -25.78 -10.56
C THR D 224 9.13 -25.64 -9.30
N SER D 232 19.99 -18.70 -15.27
CA SER D 232 18.96 -18.25 -14.34
C SER D 232 18.15 -17.10 -14.92
N SER D 233 18.77 -16.37 -15.84
CA SER D 233 18.13 -15.18 -16.45
C SER D 233 16.78 -15.55 -17.10
N ASN D 234 16.81 -16.63 -17.85
CA ASN D 234 15.59 -17.15 -18.51
C ASN D 234 14.65 -17.79 -17.50
N THR D 235 15.24 -18.43 -16.50
CA THR D 235 14.51 -19.02 -15.35
C THR D 235 13.85 -17.90 -14.54
N GLU D 236 14.58 -16.81 -14.42
CA GLU D 236 14.11 -15.63 -13.66
C GLU D 236 12.82 -15.12 -14.28
N LYS D 237 12.89 -14.89 -15.59
CA LYS D 237 11.71 -14.50 -16.38
C LYS D 237 10.56 -15.51 -16.35
N LYS D 238 10.91 -16.79 -16.35
CA LYS D 238 9.89 -17.87 -16.25
C LYS D 238 9.11 -17.69 -14.98
N LEU D 239 9.84 -17.54 -13.89
CA LEU D 239 9.25 -17.35 -12.53
C LEU D 239 8.27 -16.19 -12.46
N ARG D 240 8.67 -15.09 -13.05
CA ARG D 240 7.86 -13.86 -13.13
C ARG D 240 6.55 -14.19 -13.81
N LEU D 241 6.70 -14.74 -15.01
CA LEU D 241 5.56 -15.13 -15.86
C LEU D 241 4.69 -16.21 -15.21
N GLN D 242 5.33 -17.13 -14.51
CA GLN D 242 4.63 -18.25 -13.84
C GLN D 242 3.70 -17.74 -12.75
N ALA D 243 4.22 -16.80 -11.97
CA ALA D 243 3.44 -16.24 -10.85
C ALA D 243 2.23 -15.49 -11.38
N ALA D 244 2.45 -14.77 -12.47
CA ALA D 244 1.41 -13.86 -13.07
C ALA D 244 0.27 -14.64 -13.68
N VAL D 245 0.61 -15.82 -14.17
CA VAL D 245 -0.39 -16.81 -14.62
C VAL D 245 -1.37 -17.11 -13.47
N VAL D 246 -0.80 -17.41 -12.31
CA VAL D 246 -1.58 -17.74 -11.12
C VAL D 246 -2.31 -16.49 -10.63
N GLN D 247 -1.62 -15.36 -10.68
CA GLN D 247 -2.27 -14.07 -10.29
C GLN D 247 -3.51 -13.76 -11.10
N THR D 248 -3.46 -14.08 -12.39
CA THR D 248 -4.58 -13.79 -13.28
C THR D 248 -5.72 -14.71 -12.94
N LEU D 249 -5.37 -15.94 -12.62
CA LEU D 249 -6.36 -16.99 -12.39
C LEU D 249 -7.10 -16.67 -11.11
N ILE D 250 -6.39 -16.06 -10.15
CA ILE D 250 -7.01 -15.60 -8.90
C ILE D 250 -7.95 -14.39 -9.10
N ASP D 251 -7.49 -13.42 -9.87
CA ASP D 251 -8.20 -12.18 -10.08
C ASP D 251 -9.44 -12.45 -10.94
N TYR D 252 -9.34 -13.43 -11.81
CA TYR D 252 -10.45 -13.80 -12.71
C TYR D 252 -10.99 -15.17 -12.39
N ALA D 253 -10.97 -15.48 -11.09
CA ALA D 253 -11.44 -16.77 -10.54
C ALA D 253 -12.79 -17.26 -11.11
N SER D 254 -13.76 -16.35 -11.23
CA SER D 254 -15.14 -16.76 -11.67
C SER D 254 -15.22 -17.18 -13.11
N ASP D 255 -14.19 -16.81 -13.82
CA ASP D 255 -14.17 -16.88 -15.28
C ASP D 255 -13.44 -18.12 -15.75
N ILE D 256 -12.73 -18.76 -14.80
CA ILE D 256 -11.94 -19.98 -15.10
C ILE D 256 -12.78 -21.08 -15.82
N GLY D 257 -12.28 -21.52 -16.95
CA GLY D 257 -12.90 -22.63 -17.69
C GLY D 257 -14.21 -22.31 -18.35
N ARG D 258 -14.64 -21.05 -18.31
CA ARG D 258 -15.82 -20.63 -19.08
C ARG D 258 -15.45 -20.23 -20.52
N VAL D 259 -15.91 -21.04 -21.45
CA VAL D 259 -15.70 -20.78 -22.86
C VAL D 259 -16.60 -19.62 -23.23
N PRO D 260 -16.03 -18.54 -23.80
CA PRO D 260 -16.87 -17.39 -24.24
C PRO D 260 -17.88 -17.71 -25.33
N ASP D 261 -18.95 -16.96 -25.30
CA ASP D 261 -20.03 -17.09 -26.26
C ASP D 261 -19.56 -17.03 -27.71
N PHE D 262 -18.59 -16.15 -27.98
CA PHE D 262 -18.08 -15.95 -29.37
C PHE D 262 -17.18 -17.10 -29.86
N ILE D 263 -16.75 -17.97 -28.96
CA ILE D 263 -16.11 -19.23 -29.35
C ILE D 263 -17.20 -20.17 -29.82
N LEU D 264 -18.21 -20.30 -28.97
CA LEU D 264 -19.35 -21.19 -29.24
C LEU D 264 -20.08 -20.78 -30.52
N GLU D 265 -20.06 -19.49 -30.81
CA GLU D 265 -20.75 -18.92 -31.99
C GLU D 265 -20.08 -19.33 -33.30
N LYS D 266 -18.86 -19.84 -33.17
CA LYS D 266 -18.01 -20.22 -34.31
C LYS D 266 -18.00 -21.74 -34.48
N ILE D 267 -19.12 -22.36 -34.17
CA ILE D 267 -19.25 -23.83 -34.25
C ILE D 267 -20.59 -24.24 -34.86
#